data_9IJM
#
_entry.id   9IJM
#
_cell.length_a   1.00
_cell.length_b   1.00
_cell.length_c   1.00
_cell.angle_alpha   90.00
_cell.angle_beta   90.00
_cell.angle_gamma   90.00
#
_symmetry.space_group_name_H-M   'P 1'
#
loop_
_entity.id
_entity.type
_entity.pdbx_description
1 polymer PomB
2 polymer 'Chemotaxis protein PomA'
3 non-polymer 'SODIUM ION'
4 non-polymer phenamil
5 water water
#
loop_
_entity_poly.entity_id
_entity_poly.type
_entity_poly.pdbx_seq_one_letter_code
_entity_poly.pdbx_strand_id
1 'polypeptide(L)'
;MDDEDNKCDCPPPGLPLWMGTFADLMSLLMCFFVLLLSFSEMDVLKFKQIAGSMKFAFGVQNQLEVKDIPKGTSIIAQEF
RPGRPEPTPIDVIMQQTMDITQQTLEFHEGESDRAGGTKRDEGKLTGGQSPATSTQNNESAEADMQQQQSKEMSQEMETL
MESIKKALEREIEQGAIEVENLGQQIVIRMREKGAFPEGSAFLQPKFRPLVRQIAELVKDVPGIVRVSGHTDNRPLDSEL
YRSNWDLSSQRAVSVAQEMEKVRGFSHQRLRVRGMADTEPLLPNDSDDNRALNRRVEISIMQGEPLYSEEVPVIQHHHHH
H
;
A,B
2 'polypeptide(L)'
;MDLATLLGLIGGFAFVIMAMVLGGSIGMFVDVTSILIVVGGSIFVVLMKFTMGQFFGATKIAGKAFMFKADEPEDLIAKI
VEMADAARKGGFLALEEMEINNTFMQKGIDLLVDGHDADVVRAALKKDIALTDERHTQGTGVFRAFGDVAPAMGMIGTLV
GLVAMLSNMDDPKAIGPAMAVALLTTLYGAILSNMVFFPIADKLSLRRDQETLNRRLIMDGVLAIQDGQNPRVIDSYLKN
YLNEGKRALEIDE
;
C,D,E,F,G
#
# COMPACT_ATOMS: atom_id res chain seq x y z
N GLY A 14 1.03 4.03 0.92
CA GLY A 14 0.74 4.36 2.29
C GLY A 14 1.89 5.06 2.99
N LEU A 15 1.97 4.90 4.31
CA LEU A 15 3.06 5.48 5.08
C LEU A 15 3.97 4.36 5.59
N PRO A 16 5.24 4.65 5.83
CA PRO A 16 6.17 3.62 6.31
C PRO A 16 5.82 3.17 7.72
N LEU A 17 6.15 1.90 8.02
CA LEU A 17 5.72 1.30 9.28
C LEU A 17 6.35 1.98 10.49
N TRP A 18 7.54 2.54 10.33
CA TRP A 18 8.11 3.31 11.42
C TRP A 18 7.24 4.52 11.76
N MET A 19 6.38 4.97 10.84
CA MET A 19 5.44 6.01 11.19
C MET A 19 4.46 5.53 12.25
N GLY A 20 4.00 4.29 12.11
CA GLY A 20 3.14 3.71 13.14
C GLY A 20 3.90 3.49 14.44
N THR A 21 5.15 3.04 14.35
CA THR A 21 5.96 2.90 15.56
C THR A 21 6.12 4.24 16.27
N PHE A 22 6.38 5.29 15.49
CA PHE A 22 6.57 6.63 16.00
C PHE A 22 5.29 7.17 16.64
N ALA A 23 4.14 6.94 15.99
CA ALA A 23 2.87 7.39 16.57
C ALA A 23 2.55 6.65 17.86
N ASP A 24 2.81 5.33 17.88
CA ASP A 24 2.61 4.56 19.10
C ASP A 24 3.50 5.04 20.23
N LEU A 25 4.79 5.27 19.94
CA LEU A 25 5.70 5.76 20.97
C LEU A 25 5.30 7.16 21.44
N MET A 26 4.88 8.02 20.52
CA MET A 26 4.49 9.37 20.89
C MET A 26 3.27 9.36 21.78
N SER A 27 2.26 8.55 21.44
CA SER A 27 1.08 8.44 22.29
C SER A 27 1.40 7.78 23.62
N LEU A 28 2.36 6.87 23.65
CA LEU A 28 2.74 6.24 24.90
C LEU A 28 3.43 7.25 25.83
N LEU A 29 4.30 8.09 25.27
CA LEU A 29 4.88 9.18 26.05
C LEU A 29 3.81 10.18 26.47
N MET A 30 2.82 10.39 25.62
CA MET A 30 1.70 11.26 25.97
C MET A 30 0.99 10.74 27.22
N CYS A 31 0.70 9.44 27.25
CA CYS A 31 0.09 8.83 28.43
C CYS A 31 1.01 8.96 29.63
N PHE A 32 2.31 8.71 29.42
CA PHE A 32 3.28 8.81 30.51
C PHE A 32 3.28 10.21 31.12
N PHE A 33 3.31 11.24 30.29
CA PHE A 33 3.47 12.60 30.79
C PHE A 33 2.17 13.16 31.37
N VAL A 34 1.01 12.74 30.86
CA VAL A 34 -0.20 13.11 31.58
C VAL A 34 -0.25 12.41 32.94
N LEU A 35 0.25 11.16 33.03
CA LEU A 35 0.35 10.52 34.32
C LEU A 35 1.25 11.31 35.26
N LEU A 36 2.40 11.74 34.76
CA LEU A 36 3.36 12.48 35.58
C LEU A 36 2.78 13.81 36.04
N LEU A 37 2.06 14.50 35.15
CA LEU A 37 1.52 15.80 35.52
C LEU A 37 0.34 15.66 36.47
N SER A 38 -0.39 14.54 36.40
CA SER A 38 -1.55 14.38 37.27
C SER A 38 -1.20 14.45 38.75
N PHE A 39 0.06 14.21 39.11
CA PHE A 39 0.51 14.31 40.49
C PHE A 39 1.49 15.45 40.72
N SER A 40 1.61 16.38 39.77
CA SER A 40 2.49 17.53 39.89
C SER A 40 1.66 18.82 39.92
N GLU A 41 2.11 19.77 40.73
CA GLU A 41 1.46 21.07 40.83
C GLU A 41 2.24 22.09 40.01
N MET A 42 1.50 22.94 39.30
CA MET A 42 2.08 23.93 38.42
C MET A 42 2.34 25.23 39.17
N ASP A 43 3.25 26.03 38.64
CA ASP A 43 3.40 27.40 39.12
C ASP A 43 2.20 28.24 38.69
N VAL A 44 1.97 29.33 39.42
CA VAL A 44 0.87 30.23 39.08
C VAL A 44 1.33 31.37 38.18
N LEU A 45 2.29 32.18 38.63
CA LEU A 45 2.74 33.30 37.82
C LEU A 45 3.47 32.83 36.57
N LYS A 46 4.26 31.76 36.67
CA LYS A 46 4.91 31.22 35.48
C LYS A 46 3.87 30.80 34.44
N PHE A 47 2.80 30.14 34.87
CA PHE A 47 1.78 29.71 33.93
C PHE A 47 1.01 30.89 33.37
N LYS A 48 0.75 31.92 34.18
CA LYS A 48 0.06 33.10 33.68
C LYS A 48 0.89 33.79 32.62
N GLN A 49 2.20 33.89 32.83
CA GLN A 49 3.07 34.51 31.83
C GLN A 49 3.24 33.64 30.59
N ILE A 50 3.29 32.31 30.77
CA ILE A 50 3.26 31.40 29.62
C ILE A 50 2.01 31.67 28.79
N ALA A 51 0.86 31.75 29.45
CA ALA A 51 -0.40 31.97 28.77
C ALA A 51 -0.41 33.32 28.06
N GLY A 52 0.13 34.35 28.70
CA GLY A 52 0.21 35.65 28.06
C GLY A 52 1.07 35.65 26.82
N SER A 53 2.22 34.97 26.89
CA SER A 53 3.08 34.86 25.70
C SER A 53 2.37 34.11 24.58
N MET A 54 1.68 33.03 24.91
CA MET A 54 0.95 32.28 23.89
C MET A 54 -0.16 33.12 23.28
N LYS A 55 -0.88 33.87 24.11
CA LYS A 55 -1.95 34.75 23.62
C LYS A 55 -1.41 35.82 22.70
N PHE A 56 -0.25 36.39 23.04
CA PHE A 56 0.40 37.35 22.16
C PHE A 56 0.82 36.71 20.86
N ALA A 57 1.35 35.49 20.93
CA ALA A 57 1.89 34.82 19.74
C ALA A 57 0.79 34.46 18.76
N PHE A 58 -0.35 33.99 19.25
CA PHE A 58 -1.38 33.48 18.36
C PHE A 58 -2.29 34.58 17.80
N GLY A 59 -2.26 35.78 18.38
CA GLY A 59 -3.09 36.86 17.89
C GLY A 59 -4.10 37.36 18.92
N GLY B 14 0.33 0.17 2.97
CA GLY B 14 1.14 0.80 3.99
C GLY B 14 0.33 1.22 5.20
N LEU B 15 0.43 2.48 5.57
CA LEU B 15 -0.29 3.02 6.71
C LEU B 15 -1.30 4.07 6.25
N PRO B 16 -2.29 4.39 7.09
CA PRO B 16 -3.21 5.47 6.73
C PRO B 16 -2.45 6.76 6.49
N LEU B 17 -2.85 7.47 5.44
CA LEU B 17 -2.14 8.68 5.05
C LEU B 17 -2.20 9.74 6.15
N TRP B 18 -3.21 9.70 7.00
CA TRP B 18 -3.36 10.64 8.09
C TRP B 18 -2.50 10.28 9.30
N MET B 19 -1.82 9.13 9.29
CA MET B 19 -0.97 8.76 10.41
C MET B 19 0.16 9.75 10.61
N GLY B 20 0.60 10.39 9.52
CA GLY B 20 1.58 11.44 9.65
C GLY B 20 1.08 12.57 10.51
N THR B 21 -0.13 13.06 10.24
CA THR B 21 -0.71 14.10 11.08
C THR B 21 -0.98 13.60 12.50
N PHE B 22 -1.19 12.30 12.68
CA PHE B 22 -1.43 11.79 14.01
C PHE B 22 -0.15 11.80 14.84
N ALA B 23 0.98 11.41 14.24
CA ALA B 23 2.25 11.54 14.93
C ALA B 23 2.58 13.01 15.17
N ASP B 24 2.26 13.89 14.22
CA ASP B 24 2.40 15.32 14.45
C ASP B 24 1.64 15.76 15.70
N LEU B 25 0.38 15.35 15.80
CA LEU B 25 -0.46 15.78 16.92
C LEU B 25 0.06 15.20 18.23
N MET B 26 0.44 13.92 18.22
CA MET B 26 0.93 13.30 19.44
C MET B 26 2.25 13.91 19.89
N SER B 27 3.11 14.28 18.94
CA SER B 27 4.38 14.92 19.31
C SER B 27 4.14 16.33 19.82
N LEU B 28 3.20 17.07 19.22
CA LEU B 28 2.86 18.39 19.74
C LEU B 28 2.34 18.29 21.16
N LEU B 29 1.47 17.32 21.42
CA LEU B 29 0.92 17.15 22.77
C LEU B 29 2.01 16.69 23.75
N MET B 30 2.89 15.81 23.32
CA MET B 30 3.95 15.35 24.20
C MET B 30 4.86 16.51 24.60
N CYS B 31 5.21 17.37 23.64
CA CYS B 31 6.08 18.49 23.94
C CYS B 31 5.35 19.55 24.76
N PHE B 32 4.06 19.74 24.52
CA PHE B 32 3.27 20.59 25.39
C PHE B 32 3.29 20.09 26.83
N PHE B 33 3.22 18.77 27.01
CA PHE B 33 3.20 18.25 28.36
C PHE B 33 4.59 18.27 28.98
N VAL B 34 5.64 18.13 28.16
CA VAL B 34 6.99 18.35 28.66
C VAL B 34 7.14 19.78 29.15
N LEU B 35 6.60 20.74 28.40
CA LEU B 35 6.64 22.14 28.84
C LEU B 35 5.85 22.34 30.13
N LEU B 36 4.68 21.70 30.24
CA LEU B 36 3.90 21.81 31.47
C LEU B 36 4.62 21.16 32.65
N LEU B 37 5.45 20.16 32.39
CA LEU B 37 6.29 19.61 33.44
C LEU B 37 7.47 20.52 33.75
N SER B 38 7.88 21.33 32.78
CA SER B 38 9.07 22.16 32.95
C SER B 38 8.93 23.13 34.11
N PHE B 39 7.70 23.53 34.44
CA PHE B 39 7.45 24.32 35.65
C PHE B 39 6.46 23.64 36.58
N SER B 40 6.43 22.31 36.60
CA SER B 40 5.63 21.57 37.55
C SER B 40 6.49 21.14 38.74
N GLU B 41 5.82 20.88 39.87
CA GLU B 41 6.51 20.55 41.11
C GLU B 41 5.97 19.24 41.67
N MET B 42 6.84 18.51 42.35
CA MET B 42 6.49 17.19 42.87
C MET B 42 5.53 17.30 44.04
N ASP B 43 4.62 16.33 44.14
CA ASP B 43 3.74 16.19 45.30
C ASP B 43 3.82 14.75 45.77
N VAL B 44 3.89 14.55 47.08
CA VAL B 44 4.10 13.21 47.63
C VAL B 44 2.78 12.50 47.91
N LEU B 45 1.83 13.20 48.54
CA LEU B 45 0.55 12.58 48.85
C LEU B 45 -0.20 12.19 47.59
N LYS B 46 -0.25 13.08 46.60
CA LYS B 46 -0.93 12.76 45.35
C LYS B 46 -0.19 11.67 44.60
N PHE B 47 1.14 11.65 44.71
CA PHE B 47 1.90 10.56 44.11
C PHE B 47 1.49 9.22 44.71
N LYS B 48 1.39 9.16 46.04
CA LYS B 48 1.00 7.92 46.69
C LYS B 48 -0.42 7.51 46.30
N GLN B 49 -1.33 8.49 46.20
CA GLN B 49 -2.69 8.18 45.77
C GLN B 49 -2.70 7.58 44.36
N ILE B 50 -1.96 8.20 43.44
CA ILE B 50 -1.88 7.66 42.08
C ILE B 50 -1.33 6.25 42.12
N ALA B 51 -0.25 6.03 42.87
CA ALA B 51 0.38 4.72 42.90
C ALA B 51 -0.57 3.66 43.45
N GLY B 52 -1.29 3.99 44.52
CA GLY B 52 -2.22 3.03 45.09
C GLY B 52 -3.38 2.70 44.17
N SER B 53 -3.97 3.73 43.54
CA SER B 53 -5.07 3.47 42.63
C SER B 53 -4.62 2.68 41.41
N MET B 54 -3.41 2.96 40.92
CA MET B 54 -2.87 2.17 39.82
C MET B 54 -2.64 0.72 40.24
N LYS B 55 -2.15 0.51 41.46
CA LYS B 55 -1.96 -0.85 41.96
C LYS B 55 -3.28 -1.59 42.04
N PHE B 56 -4.34 -0.90 42.50
CA PHE B 56 -5.63 -1.57 42.62
C PHE B 56 -6.23 -1.87 41.25
N ALA B 57 -6.12 -0.93 40.31
CA ALA B 57 -6.62 -1.20 38.97
C ALA B 57 -5.85 -2.32 38.30
N PHE B 58 -4.52 -2.30 38.40
CA PHE B 58 -3.69 -3.28 37.71
C PHE B 58 -3.67 -4.64 38.41
N GLY B 59 -4.61 -4.89 39.32
CA GLY B 59 -4.75 -6.20 39.92
C GLY B 59 -3.63 -6.65 40.83
N VAL B 60 -3.13 -5.76 41.67
CA VAL B 60 -2.14 -6.13 42.67
C VAL B 60 -2.62 -5.70 44.06
N PHE C 29 21.82 1.55 25.19
CA PHE C 29 22.23 0.69 26.28
C PHE C 29 22.30 -0.75 25.81
N VAL C 30 22.62 -1.64 26.74
CA VAL C 30 22.52 -3.08 26.54
C VAL C 30 21.61 -3.65 27.62
N ASP C 31 20.94 -4.75 27.29
CA ASP C 31 20.08 -5.42 28.26
C ASP C 31 19.75 -6.81 27.74
N VAL C 32 19.87 -7.81 28.60
CA VAL C 32 19.77 -9.20 28.14
C VAL C 32 18.30 -9.62 28.00
N THR C 33 17.48 -9.27 28.99
CA THR C 33 16.07 -9.66 28.92
C THR C 33 15.36 -9.00 27.74
N SER C 34 15.72 -7.76 27.41
CA SER C 34 15.03 -7.06 26.33
C SER C 34 15.37 -7.66 24.96
N ILE C 35 16.66 -7.90 24.70
CA ILE C 35 17.04 -8.53 23.44
C ILE C 35 16.49 -9.95 23.40
N LEU C 36 16.43 -10.61 24.55
CA LEU C 36 15.81 -11.93 24.61
C LEU C 36 14.34 -11.85 24.21
N ILE C 37 13.61 -10.87 24.74
CA ILE C 37 12.19 -10.74 24.40
C ILE C 37 12.04 -10.55 22.90
N VAL C 38 12.75 -9.56 22.34
CA VAL C 38 12.60 -9.26 20.91
C VAL C 38 12.95 -10.48 20.08
N VAL C 39 14.14 -11.04 20.29
CA VAL C 39 14.65 -12.09 19.42
C VAL C 39 13.85 -13.37 19.59
N GLY C 40 13.61 -13.78 20.84
CA GLY C 40 12.87 -15.00 21.07
C GLY C 40 11.46 -14.93 20.52
N GLY C 41 10.75 -13.83 20.78
CA GLY C 41 9.40 -13.71 20.26
C GLY C 41 9.32 -13.59 18.75
N SER C 42 10.24 -12.84 18.14
CA SER C 42 10.29 -12.78 16.68
C SER C 42 10.47 -14.17 16.12
N ILE C 43 11.40 -14.94 16.69
CA ILE C 43 11.64 -16.29 16.22
C ILE C 43 10.39 -17.14 16.43
N PHE C 44 9.70 -16.93 17.53
CA PHE C 44 8.51 -17.72 17.87
C PHE C 44 7.39 -17.50 16.84
N VAL C 45 7.10 -16.23 16.55
CA VAL C 45 6.05 -15.93 15.57
C VAL C 45 6.47 -16.40 14.18
N VAL C 46 7.73 -16.17 13.80
CA VAL C 46 8.17 -16.61 12.48
C VAL C 46 8.16 -18.12 12.38
N LEU C 47 8.38 -18.82 13.50
CA LEU C 47 8.29 -20.27 13.49
C LEU C 47 6.86 -20.72 13.27
N MET C 48 5.88 -20.03 13.87
CA MET C 48 4.50 -20.33 13.46
C MET C 48 4.27 -19.98 12.00
N LYS C 49 5.09 -19.10 11.43
CA LYS C 49 4.94 -18.77 10.02
C LYS C 49 5.78 -19.68 9.13
N PHE C 50 7.04 -19.90 9.49
CA PHE C 50 7.99 -20.70 8.72
C PHE C 50 8.52 -21.85 9.56
N THR C 51 8.78 -22.98 8.90
CA THR C 51 9.44 -24.09 9.58
C THR C 51 10.89 -23.72 9.89
N MET C 52 11.49 -24.44 10.83
CA MET C 52 12.80 -24.03 11.33
C MET C 52 13.89 -24.44 10.35
N GLY C 53 13.65 -25.49 9.58
CA GLY C 53 14.53 -25.80 8.47
C GLY C 53 14.56 -24.69 7.44
N GLN C 54 13.41 -24.10 7.16
CA GLN C 54 13.38 -22.93 6.28
C GLN C 54 14.10 -21.76 6.91
N PHE C 55 14.12 -21.68 8.24
CA PHE C 55 14.90 -20.65 8.91
C PHE C 55 16.38 -20.82 8.60
N PHE C 56 16.90 -22.05 8.73
CA PHE C 56 18.29 -22.25 8.33
C PHE C 56 18.49 -21.95 6.84
N GLY C 57 17.54 -22.36 6.00
CA GLY C 57 17.71 -22.12 4.58
C GLY C 57 17.87 -20.64 4.27
N ALA C 58 17.01 -19.81 4.85
CA ALA C 58 17.10 -18.37 4.63
C ALA C 58 18.38 -17.80 5.20
N THR C 59 18.77 -18.21 6.41
CA THR C 59 20.00 -17.67 6.99
C THR C 59 21.21 -18.04 6.16
N LYS C 60 21.26 -19.29 5.68
CA LYS C 60 22.39 -19.72 4.87
C LYS C 60 22.45 -18.97 3.55
N ILE C 61 21.29 -18.74 2.92
CA ILE C 61 21.34 -18.00 1.66
C ILE C 61 21.72 -16.55 1.90
N ALA C 62 21.33 -15.96 3.04
CA ALA C 62 21.78 -14.61 3.35
C ALA C 62 23.29 -14.57 3.53
N GLY C 63 23.84 -15.53 4.26
CA GLY C 63 25.28 -15.60 4.40
C GLY C 63 26.00 -15.76 3.08
N LYS C 64 25.44 -16.58 2.19
CA LYS C 64 26.09 -16.79 0.89
C LYS C 64 25.97 -15.56 0.00
N ALA C 65 24.90 -14.79 0.14
CA ALA C 65 24.77 -13.57 -0.65
C ALA C 65 25.59 -12.43 -0.07
N PHE C 66 26.02 -12.56 1.18
CA PHE C 66 26.88 -11.54 1.80
C PHE C 66 28.36 -11.83 1.60
N MET C 67 28.77 -13.09 1.78
CA MET C 67 30.18 -13.39 1.96
C MET C 67 30.80 -13.97 0.70
N PHE C 68 30.00 -14.58 -0.16
CA PHE C 68 30.51 -15.10 -1.42
C PHE C 68 29.97 -14.27 -2.57
N LYS C 69 30.86 -13.49 -3.18
CA LYS C 69 30.49 -12.59 -4.26
C LYS C 69 30.16 -13.41 -5.50
N ALA C 70 29.07 -13.04 -6.17
CA ALA C 70 28.72 -13.72 -7.42
C ALA C 70 29.63 -13.25 -8.54
N ASP C 71 30.09 -14.19 -9.36
CA ASP C 71 31.06 -13.89 -10.39
C ASP C 71 30.50 -12.88 -11.40
N GLU C 72 31.42 -12.10 -11.97
CA GLU C 72 31.01 -11.10 -12.96
C GLU C 72 30.40 -11.79 -14.18
N PRO C 73 29.33 -11.23 -14.74
CA PRO C 73 28.79 -11.82 -15.98
C PRO C 73 29.79 -11.84 -17.12
N GLU C 74 30.69 -10.86 -17.15
CA GLU C 74 31.71 -10.83 -18.19
C GLU C 74 32.68 -12.00 -18.07
N ASP C 75 33.03 -12.40 -16.85
CA ASP C 75 33.91 -13.56 -16.68
C ASP C 75 33.22 -14.83 -17.20
N LEU C 76 31.93 -14.97 -16.95
CA LEU C 76 31.19 -16.11 -17.48
C LEU C 76 31.13 -16.05 -19.01
N ILE C 77 30.96 -14.86 -19.58
CA ILE C 77 30.99 -14.72 -21.03
C ILE C 77 32.36 -15.13 -21.57
N ALA C 78 33.42 -14.76 -20.87
CA ALA C 78 34.76 -15.14 -21.28
C ALA C 78 34.95 -16.65 -21.23
N LYS C 79 34.41 -17.30 -20.20
CA LYS C 79 34.48 -18.75 -20.12
C LYS C 79 33.68 -19.39 -21.25
N ILE C 80 32.53 -18.80 -21.60
CA ILE C 80 31.74 -19.30 -22.73
C ILE C 80 32.53 -19.22 -24.02
N VAL C 81 33.20 -18.08 -24.24
CA VAL C 81 34.03 -17.91 -25.43
C VAL C 81 35.17 -18.92 -25.44
N GLU C 82 35.82 -19.13 -24.29
CA GLU C 82 36.91 -20.09 -24.23
C GLU C 82 36.43 -21.50 -24.53
N MET C 83 35.27 -21.89 -23.99
CA MET C 83 34.74 -23.22 -24.25
C MET C 83 34.39 -23.38 -25.73
N ALA C 84 33.78 -22.36 -26.33
CA ALA C 84 33.47 -22.43 -27.76
C ALA C 84 34.74 -22.52 -28.60
N ASP C 85 35.78 -21.80 -28.19
CA ASP C 85 37.05 -21.84 -28.91
C ASP C 85 37.68 -23.22 -28.82
N ALA C 86 37.60 -23.85 -27.65
CA ALA C 86 38.17 -25.17 -27.44
C ALA C 86 37.41 -26.27 -28.18
N ALA C 87 36.19 -25.99 -28.63
CA ALA C 87 35.41 -26.97 -29.39
C ALA C 87 34.35 -26.29 -30.23
N ILE C 100 35.88 -23.14 -16.32
CA ILE C 100 34.62 -23.40 -15.61
C ILE C 100 34.77 -23.14 -14.12
N ASN C 101 33.96 -22.24 -13.59
CA ASN C 101 33.99 -21.92 -12.17
C ASN C 101 32.63 -21.96 -11.51
N ASN C 102 31.55 -21.77 -12.26
CA ASN C 102 30.22 -21.78 -11.68
C ASN C 102 29.61 -23.18 -11.70
N THR C 103 28.83 -23.48 -10.67
CA THR C 103 28.12 -24.76 -10.61
C THR C 103 27.12 -24.88 -11.76
N PHE C 104 26.41 -23.79 -12.06
CA PHE C 104 25.44 -23.81 -13.15
C PHE C 104 26.10 -24.13 -14.48
N MET C 105 27.20 -23.44 -14.79
CA MET C 105 27.89 -23.69 -16.05
C MET C 105 28.47 -25.09 -16.09
N GLN C 106 29.03 -25.56 -14.97
CA GLN C 106 29.62 -26.89 -14.95
C GLN C 106 28.55 -27.97 -15.16
N LYS C 107 27.39 -27.80 -14.51
CA LYS C 107 26.32 -28.77 -14.72
C LYS C 107 25.77 -28.70 -16.14
N GLY C 108 25.72 -27.51 -16.74
CA GLY C 108 25.33 -27.42 -18.14
C GLY C 108 26.30 -28.14 -19.06
N ILE C 109 27.60 -27.98 -18.80
CA ILE C 109 28.60 -28.68 -19.60
C ILE C 109 28.46 -30.19 -19.44
N ASP C 110 28.26 -30.65 -18.21
CA ASP C 110 28.08 -32.08 -17.98
C ASP C 110 26.83 -32.60 -18.69
N LEU C 111 25.76 -31.81 -18.70
CA LEU C 111 24.54 -32.23 -19.39
C LEU C 111 24.73 -32.26 -20.90
N LEU C 112 25.55 -31.34 -21.45
CA LEU C 112 25.76 -31.33 -22.89
C LEU C 112 26.75 -32.39 -23.33
N VAL C 113 27.60 -32.89 -22.42
CA VAL C 113 28.64 -33.85 -22.80
C VAL C 113 28.01 -35.13 -23.34
N ASP C 114 26.97 -35.63 -22.66
CA ASP C 114 26.32 -36.86 -23.11
C ASP C 114 25.21 -36.58 -24.12
N GLY C 115 25.23 -35.38 -24.70
CA GLY C 115 24.35 -35.07 -25.83
C GLY C 115 22.88 -35.03 -25.52
N HIS C 116 22.50 -34.38 -24.42
CA HIS C 116 21.09 -34.15 -24.14
C HIS C 116 20.54 -33.09 -25.08
N ASP C 117 19.33 -33.33 -25.59
CA ASP C 117 18.76 -32.47 -26.62
C ASP C 117 18.47 -31.07 -26.06
N ALA C 118 18.04 -30.18 -26.95
CA ALA C 118 17.79 -28.80 -26.56
C ALA C 118 16.64 -28.71 -25.56
N ASP C 119 15.56 -29.46 -25.79
CA ASP C 119 14.37 -29.34 -24.95
C ASP C 119 14.67 -29.77 -23.51
N VAL C 120 15.37 -30.89 -23.33
CA VAL C 120 15.60 -31.40 -21.98
C VAL C 120 16.51 -30.45 -21.18
N VAL C 121 17.57 -29.95 -21.81
CA VAL C 121 18.47 -29.05 -21.10
C VAL C 121 17.77 -27.72 -20.82
N ARG C 122 16.95 -27.25 -21.77
CA ARG C 122 16.18 -26.03 -21.52
C ARG C 122 15.26 -26.20 -20.33
N ALA C 123 14.56 -27.35 -20.26
CA ALA C 123 13.65 -27.60 -19.15
C ALA C 123 14.43 -27.69 -17.83
N ALA C 124 15.55 -28.40 -17.83
CA ALA C 124 16.32 -28.54 -16.60
C ALA C 124 16.84 -27.20 -16.11
N LEU C 125 17.36 -26.37 -17.02
CA LEU C 125 17.87 -25.06 -16.63
C LEU C 125 16.75 -24.15 -16.15
N LYS C 126 15.59 -24.19 -16.81
CA LYS C 126 14.48 -23.37 -16.37
C LYS C 126 13.99 -23.80 -15.00
N LYS C 127 13.93 -25.11 -14.74
CA LYS C 127 13.56 -25.60 -13.42
C LYS C 127 14.57 -25.16 -12.37
N ASP C 128 15.86 -25.22 -12.70
CA ASP C 128 16.87 -24.79 -11.74
C ASP C 128 16.76 -23.30 -11.43
N ILE C 129 16.52 -22.49 -12.46
CA ILE C 129 16.38 -21.05 -12.26
C ILE C 129 15.15 -20.73 -11.43
N ALA C 130 14.03 -21.38 -11.73
CA ALA C 130 12.83 -21.15 -10.94
C ALA C 130 13.02 -21.65 -9.51
N LEU C 131 13.77 -22.73 -9.33
CA LEU C 131 14.07 -23.20 -7.99
C LEU C 131 14.90 -22.19 -7.21
N THR C 132 15.92 -21.61 -7.84
CA THR C 132 16.73 -20.59 -7.19
C THR C 132 15.90 -19.34 -6.87
N ASP C 133 15.05 -18.92 -7.82
CA ASP C 133 14.18 -17.79 -7.58
C ASP C 133 13.24 -18.06 -6.42
N GLU C 134 12.68 -19.27 -6.35
CA GLU C 134 11.81 -19.63 -5.25
C GLU C 134 12.56 -19.58 -3.93
N ARG C 135 13.79 -20.12 -3.90
CA ARG C 135 14.56 -20.13 -2.66
C ARG C 135 14.89 -18.72 -2.20
N HIS C 136 15.25 -17.85 -3.14
CA HIS C 136 15.54 -16.46 -2.80
C HIS C 136 14.30 -15.72 -2.32
N THR C 137 13.16 -15.95 -2.96
CA THR C 137 11.94 -15.30 -2.50
C THR C 137 11.51 -15.83 -1.14
N GLN C 138 11.79 -17.10 -0.86
CA GLN C 138 11.50 -17.63 0.47
C GLN C 138 12.39 -16.98 1.53
N GLY C 139 13.69 -16.83 1.24
CA GLY C 139 14.56 -16.16 2.18
C GLY C 139 14.17 -14.70 2.39
N THR C 140 13.80 -14.02 1.30
CA THR C 140 13.33 -12.65 1.42
C THR C 140 12.05 -12.58 2.24
N GLY C 141 11.15 -13.56 2.07
CA GLY C 141 9.96 -13.61 2.90
C GLY C 141 10.29 -13.82 4.36
N VAL C 142 11.26 -14.68 4.65
CA VAL C 142 11.66 -14.91 6.05
C VAL C 142 12.18 -13.62 6.67
N PHE C 143 13.09 -12.93 5.98
CA PHE C 143 13.68 -11.74 6.58
C PHE C 143 12.70 -10.58 6.60
N ARG C 144 11.84 -10.47 5.59
CA ARG C 144 10.78 -9.49 5.65
C ARG C 144 9.86 -9.75 6.84
N ALA C 145 9.50 -11.02 7.06
CA ALA C 145 8.64 -11.36 8.18
C ALA C 145 9.30 -10.99 9.50
N PHE C 146 10.60 -11.26 9.63
CA PHE C 146 11.32 -10.75 10.79
C PHE C 146 11.23 -9.24 10.88
N GLY C 147 11.27 -8.56 9.74
CA GLY C 147 11.14 -7.11 9.75
C GLY C 147 9.80 -6.63 10.29
N ASP C 148 8.71 -7.28 9.88
CA ASP C 148 7.41 -6.88 10.43
C ASP C 148 7.24 -7.29 11.89
N VAL C 149 7.78 -8.43 12.30
CA VAL C 149 7.49 -8.89 13.66
C VAL C 149 8.42 -8.30 14.70
N ALA C 150 9.63 -7.85 14.32
CA ALA C 150 10.54 -7.32 15.34
C ALA C 150 9.99 -6.08 16.05
N PRO C 151 9.53 -5.03 15.36
CA PRO C 151 9.03 -3.87 16.10
C PRO C 151 7.66 -4.09 16.72
N ALA C 152 6.84 -4.98 16.17
CA ALA C 152 5.58 -5.32 16.78
C ALA C 152 5.79 -5.84 18.19
N MET C 153 6.77 -6.75 18.36
CA MET C 153 7.05 -7.19 19.71
C MET C 153 8.01 -6.27 20.46
N GLY C 154 8.67 -5.34 19.78
CA GLY C 154 9.26 -4.24 20.53
C GLY C 154 8.20 -3.47 21.29
N MET C 155 7.10 -3.13 20.60
CA MET C 155 5.98 -2.48 21.27
C MET C 155 5.35 -3.37 22.32
N ILE C 156 5.19 -4.67 22.02
CA ILE C 156 4.65 -5.59 23.02
C ILE C 156 5.50 -5.59 24.28
N GLY C 157 6.82 -5.72 24.11
CA GLY C 157 7.71 -5.80 25.25
C GLY C 157 7.75 -4.51 26.06
N THR C 158 7.78 -3.36 25.38
CA THR C 158 7.82 -2.11 26.13
C THR C 158 6.51 -1.85 26.86
N LEU C 159 5.39 -2.24 26.26
CA LEU C 159 4.13 -2.12 26.96
C LEU C 159 4.10 -3.04 28.19
N VAL C 160 4.62 -4.26 28.05
CA VAL C 160 4.68 -5.17 29.19
C VAL C 160 5.56 -4.58 30.29
N GLY C 161 6.71 -4.04 29.92
CA GLY C 161 7.59 -3.44 30.90
C GLY C 161 6.94 -2.25 31.59
N LEU C 162 6.17 -1.46 30.84
CA LEU C 162 5.52 -0.30 31.44
C LEU C 162 4.37 -0.68 32.36
N VAL C 163 3.57 -1.69 32.00
CA VAL C 163 2.52 -2.13 32.92
C VAL C 163 3.13 -2.75 34.16
N ALA C 164 4.26 -3.45 34.00
CA ALA C 164 4.96 -3.97 35.17
C ALA C 164 5.44 -2.84 36.07
N MET C 165 6.01 -1.80 35.47
CA MET C 165 6.50 -0.67 36.26
C MET C 165 5.36 0.03 36.99
N LEU C 166 4.25 0.29 36.29
CA LEU C 166 3.12 0.96 36.91
C LEU C 166 2.46 0.12 37.99
N SER C 167 2.47 -1.21 37.82
CA SER C 167 1.94 -2.10 38.84
C SER C 167 2.86 -2.23 40.04
N ASN C 168 4.16 -1.97 39.87
CA ASN C 168 5.10 -1.96 40.99
C ASN C 168 5.75 -0.59 41.17
N MET C 169 4.96 0.47 41.08
CA MET C 169 5.49 1.84 40.97
C MET C 169 5.44 2.50 42.35
N ASP C 170 6.61 2.60 42.97
CA ASP C 170 6.74 3.12 44.34
C ASP C 170 7.54 4.40 44.42
N ASP C 171 8.79 4.39 43.92
CA ASP C 171 9.75 5.49 44.01
C ASP C 171 9.52 6.49 42.89
N PRO C 172 9.41 7.78 43.18
CA PRO C 172 9.34 8.77 42.08
C PRO C 172 10.61 8.80 41.25
N LYS C 173 11.77 8.86 41.91
CA LYS C 173 13.02 9.09 41.19
C LYS C 173 13.31 8.00 40.17
N ALA C 174 12.72 6.82 40.33
CA ALA C 174 12.97 5.70 39.45
C ALA C 174 11.96 5.54 38.33
N ILE C 175 10.90 6.36 38.29
CA ILE C 175 9.94 6.22 37.19
C ILE C 175 10.61 6.51 35.86
N GLY C 176 11.55 7.46 35.84
CA GLY C 176 12.28 7.78 34.65
C GLY C 176 13.09 6.62 34.11
N PRO C 177 14.11 6.18 34.85
CA PRO C 177 15.00 5.13 34.32
C PRO C 177 14.31 3.82 34.01
N ALA C 178 13.31 3.42 34.81
CA ALA C 178 12.64 2.16 34.58
C ALA C 178 12.03 2.12 33.17
N MET C 179 11.22 3.13 32.84
CA MET C 179 10.66 3.20 31.50
C MET C 179 11.75 3.24 30.46
N ALA C 180 12.91 3.82 30.79
CA ALA C 180 14.05 3.81 29.87
C ALA C 180 14.36 2.40 29.43
N VAL C 181 14.48 1.47 30.38
CA VAL C 181 14.75 0.07 30.03
C VAL C 181 13.64 -0.47 29.14
N ALA C 182 12.40 -0.07 29.40
CA ALA C 182 11.29 -0.49 28.55
C ALA C 182 11.51 -0.03 27.11
N LEU C 183 11.90 1.24 26.92
CA LEU C 183 12.17 1.70 25.56
C LEU C 183 13.27 0.89 24.92
N LEU C 184 14.17 0.31 25.72
CA LEU C 184 15.25 -0.49 25.17
C LEU C 184 14.72 -1.62 24.30
N THR C 185 13.54 -2.15 24.61
CA THR C 185 12.98 -3.18 23.75
C THR C 185 12.62 -2.58 22.41
N THR C 186 11.87 -1.47 22.42
CA THR C 186 11.41 -0.84 21.20
C THR C 186 12.58 -0.57 20.27
N LEU C 187 13.61 0.10 20.80
CA LEU C 187 14.78 0.45 20.02
C LEU C 187 15.36 -0.76 19.32
N TYR C 188 15.50 -1.88 20.04
CA TYR C 188 16.10 -3.07 19.44
C TYR C 188 15.28 -3.51 18.24
N GLY C 189 13.97 -3.62 18.40
CA GLY C 189 13.14 -3.94 17.26
C GLY C 189 13.40 -3.00 16.11
N ALA C 190 13.42 -1.69 16.40
CA ALA C 190 13.70 -0.71 15.38
C ALA C 190 14.99 -1.04 14.65
N ILE C 191 16.08 -1.24 15.40
CA ILE C 191 17.35 -1.55 14.76
C ILE C 191 17.21 -2.81 13.91
N LEU C 192 16.70 -3.87 14.52
CA LEU C 192 16.61 -5.12 13.79
C LEU C 192 15.65 -4.97 12.62
N SER C 193 14.63 -4.14 12.77
CA SER C 193 13.70 -3.95 11.67
C SER C 193 14.38 -3.25 10.52
N ASN C 194 15.21 -2.24 10.81
CA ASN C 194 15.66 -1.32 9.78
C ASN C 194 17.10 -1.48 9.37
N MET C 195 17.96 -1.99 10.25
CA MET C 195 19.38 -2.09 9.96
C MET C 195 19.86 -3.51 9.67
N VAL C 196 19.04 -4.52 9.94
CA VAL C 196 19.47 -5.91 9.77
C VAL C 196 18.55 -6.66 8.83
N PHE C 197 17.27 -6.75 9.17
CA PHE C 197 16.37 -7.66 8.46
C PHE C 197 15.87 -7.07 7.16
N PHE C 198 15.40 -5.82 7.17
CA PHE C 198 14.97 -5.17 5.93
C PHE C 198 16.11 -5.03 4.93
N PRO C 199 17.29 -4.53 5.30
CA PRO C 199 18.40 -4.50 4.32
C PRO C 199 18.80 -5.87 3.80
N ILE C 200 18.76 -6.90 4.64
CA ILE C 200 19.09 -8.24 4.15
C ILE C 200 18.04 -8.72 3.16
N ALA C 201 16.77 -8.37 3.40
CA ALA C 201 15.73 -8.68 2.43
C ALA C 201 16.02 -8.02 1.08
N ASP C 202 16.40 -6.74 1.11
CA ASP C 202 16.67 -6.05 -0.14
C ASP C 202 17.93 -6.56 -0.82
N LYS C 203 18.95 -6.92 -0.04
CA LYS C 203 20.15 -7.55 -0.59
C LYS C 203 19.81 -8.88 -1.25
N LEU C 204 18.93 -9.67 -0.62
CA LEU C 204 18.53 -10.94 -1.22
C LEU C 204 17.75 -10.71 -2.51
N SER C 205 16.89 -9.70 -2.53
CA SER C 205 16.20 -9.38 -3.78
C SER C 205 17.19 -9.04 -4.89
N LEU C 206 18.19 -8.21 -4.58
CA LEU C 206 19.19 -7.85 -5.58
C LEU C 206 19.96 -9.08 -6.05
N ARG C 207 20.41 -9.92 -5.11
CA ARG C 207 21.16 -11.11 -5.47
C ARG C 207 20.33 -12.03 -6.34
N ARG C 208 19.04 -12.17 -6.02
CA ARG C 208 18.15 -13.00 -6.83
C ARG C 208 18.02 -12.46 -8.25
N ASP C 209 17.84 -11.15 -8.38
CA ASP C 209 17.74 -10.56 -9.71
C ASP C 209 19.00 -10.87 -10.53
N GLN C 210 20.16 -10.62 -9.95
CA GLN C 210 21.41 -10.87 -10.66
C GLN C 210 21.58 -12.35 -10.95
N GLU C 211 21.12 -13.23 -10.06
CA GLU C 211 21.28 -14.65 -10.27
C GLU C 211 20.43 -15.15 -11.43
N THR C 212 19.17 -14.70 -11.51
CA THR C 212 18.36 -15.05 -12.67
C THR C 212 18.96 -14.48 -13.95
N LEU C 213 19.50 -13.26 -13.90
CA LEU C 213 20.13 -12.70 -15.08
C LEU C 213 21.31 -13.55 -15.56
N ASN C 214 22.22 -13.88 -14.64
CA ASN C 214 23.40 -14.66 -15.01
C ASN C 214 23.01 -16.06 -15.46
N ARG C 215 21.96 -16.63 -14.87
CA ARG C 215 21.57 -17.98 -15.27
C ARG C 215 20.85 -17.98 -16.62
N ARG C 216 20.15 -16.90 -16.96
CA ARG C 216 19.66 -16.74 -18.33
C ARG C 216 20.84 -16.64 -19.29
N LEU C 217 21.86 -15.88 -18.92
CA LEU C 217 23.09 -15.86 -19.70
C LEU C 217 23.65 -17.26 -19.89
N ILE C 218 23.60 -18.06 -18.82
CA ILE C 218 24.19 -19.39 -18.89
C ILE C 218 23.37 -20.31 -19.80
N MET C 219 22.03 -20.21 -19.75
CA MET C 219 21.24 -21.03 -20.66
C MET C 219 21.51 -20.64 -22.11
N ASP C 220 21.67 -19.34 -22.37
CA ASP C 220 21.97 -18.92 -23.73
C ASP C 220 23.34 -19.42 -24.18
N GLY C 221 24.32 -19.39 -23.28
CA GLY C 221 25.63 -19.94 -23.62
C GLY C 221 25.57 -21.44 -23.86
N VAL C 222 24.78 -22.16 -23.07
CA VAL C 222 24.61 -23.60 -23.26
C VAL C 222 23.99 -23.89 -24.62
N LEU C 223 22.96 -23.13 -24.99
CA LEU C 223 22.33 -23.31 -26.29
C LEU C 223 23.31 -23.02 -27.42
N ALA C 224 24.11 -21.95 -27.28
CA ALA C 224 25.10 -21.63 -28.30
C ALA C 224 26.15 -22.72 -28.42
N ILE C 225 26.58 -23.28 -27.28
CA ILE C 225 27.59 -24.34 -27.31
C ILE C 225 27.04 -25.59 -27.98
N GLN C 226 25.81 -25.99 -27.62
CA GLN C 226 25.22 -27.16 -28.24
C GLN C 226 24.89 -26.91 -29.71
N ASP C 227 24.77 -25.64 -30.10
CA ASP C 227 24.67 -25.28 -31.52
C ASP C 227 26.01 -25.41 -32.23
N GLY C 228 27.11 -25.11 -31.55
CA GLY C 228 28.42 -25.12 -32.16
C GLY C 228 28.72 -23.88 -32.98
N GLN C 229 27.94 -22.82 -32.82
CA GLN C 229 28.09 -21.62 -33.61
C GLN C 229 29.37 -20.88 -33.27
N ASN C 230 29.74 -19.94 -34.14
CA ASN C 230 30.94 -19.16 -33.95
C ASN C 230 30.81 -18.25 -32.72
N PRO C 231 31.94 -17.96 -32.04
CA PRO C 231 31.87 -17.13 -30.83
C PRO C 231 31.33 -15.72 -31.07
N ARG C 232 31.62 -15.13 -32.23
CA ARG C 232 31.32 -13.71 -32.42
C ARG C 232 29.81 -13.45 -32.43
N VAL C 233 29.05 -14.23 -33.21
CA VAL C 233 27.63 -13.96 -33.35
C VAL C 233 26.90 -14.28 -32.05
N ILE C 234 27.30 -15.33 -31.34
CA ILE C 234 26.67 -15.66 -30.08
C ILE C 234 26.99 -14.60 -29.03
N ASP C 235 28.22 -14.08 -29.03
CA ASP C 235 28.55 -13.00 -28.11
C ASP C 235 27.74 -11.76 -28.40
N SER C 236 27.52 -11.46 -29.69
CA SER C 236 26.64 -10.34 -30.03
C SER C 236 25.22 -10.58 -29.54
N TYR C 237 24.72 -11.80 -29.71
CA TYR C 237 23.36 -12.11 -29.27
C TYR C 237 23.22 -11.95 -27.76
N LEU C 238 24.20 -12.41 -26.99
CA LEU C 238 24.11 -12.24 -25.54
C LEU C 238 24.28 -10.79 -25.13
N LYS C 239 25.18 -10.06 -25.80
CA LYS C 239 25.35 -8.64 -25.50
C LYS C 239 24.10 -7.84 -25.83
N ASN C 240 23.27 -8.33 -26.76
CA ASN C 240 21.98 -7.69 -27.02
C ASN C 240 21.04 -7.76 -25.83
N TYR C 241 21.21 -8.74 -24.94
CA TYR C 241 20.31 -8.92 -23.81
C TYR C 241 20.66 -8.01 -22.62
N LEU C 242 21.81 -7.35 -22.64
CA LEU C 242 22.23 -6.56 -21.49
C LEU C 242 21.83 -5.10 -21.64
N ILE D 26 22.62 27.16 13.78
CA ILE D 26 22.64 27.81 15.08
C ILE D 26 22.91 26.73 16.15
N GLY D 27 23.35 27.15 17.34
CA GLY D 27 23.84 26.20 18.32
C GLY D 27 22.80 25.24 18.84
N MET D 28 21.55 25.67 18.97
CA MET D 28 20.51 24.82 19.51
C MET D 28 19.90 23.87 18.48
N PHE D 29 20.29 24.00 17.21
CA PHE D 29 19.81 23.12 16.15
C PHE D 29 20.89 22.19 15.63
N VAL D 30 22.04 22.12 16.30
CA VAL D 30 23.18 21.34 15.82
C VAL D 30 23.68 20.45 16.93
N ASP D 31 23.92 19.17 16.62
CA ASP D 31 24.58 18.25 17.53
C ASP D 31 25.32 17.22 16.68
N VAL D 32 26.54 16.88 17.08
CA VAL D 32 27.38 16.06 16.21
C VAL D 32 27.04 14.59 16.33
N THR D 33 26.58 14.16 17.51
CA THR D 33 26.20 12.75 17.67
C THR D 33 24.99 12.42 16.80
N SER D 34 24.02 13.35 16.70
CA SER D 34 22.82 13.10 15.91
C SER D 34 23.13 13.04 14.42
N ILE D 35 23.88 14.01 13.91
CA ILE D 35 24.23 13.98 12.51
C ILE D 35 25.08 12.76 12.20
N LEU D 36 25.97 12.41 13.13
CA LEU D 36 26.79 11.22 12.94
C LEU D 36 25.93 9.96 12.90
N ILE D 37 24.95 9.85 13.80
CA ILE D 37 24.08 8.69 13.81
C ILE D 37 23.33 8.58 12.49
N VAL D 38 22.69 9.68 12.07
CA VAL D 38 21.85 9.64 10.88
C VAL D 38 22.69 9.28 9.66
N VAL D 39 23.81 9.97 9.45
CA VAL D 39 24.59 9.76 8.25
C VAL D 39 25.29 8.41 8.29
N GLY D 40 25.86 8.03 9.42
CA GLY D 40 26.52 6.75 9.51
C GLY D 40 25.57 5.59 9.26
N GLY D 41 24.41 5.62 9.92
CA GLY D 41 23.45 4.54 9.74
C GLY D 41 22.87 4.50 8.34
N SER D 42 22.52 5.66 7.77
CA SER D 42 22.01 5.64 6.41
C SER D 42 23.06 5.11 5.45
N ILE D 43 24.33 5.52 5.63
CA ILE D 43 25.39 5.05 4.74
C ILE D 43 25.59 3.55 4.90
N PHE D 44 25.53 3.05 6.14
CA PHE D 44 25.66 1.62 6.38
C PHE D 44 24.57 0.86 5.65
N VAL D 45 23.31 1.26 5.86
CA VAL D 45 22.19 0.54 5.26
C VAL D 45 22.25 0.62 3.74
N VAL D 46 22.73 1.74 3.21
CA VAL D 46 22.86 1.87 1.76
C VAL D 46 23.99 0.99 1.24
N LEU D 47 25.05 0.81 2.05
CA LEU D 47 26.17 0.00 1.61
C LEU D 47 25.89 -1.48 1.75
N MET D 48 24.88 -1.87 2.53
CA MET D 48 24.45 -3.26 2.49
C MET D 48 23.64 -3.59 1.24
N LYS D 49 23.14 -2.58 0.52
CA LYS D 49 22.45 -2.79 -0.73
C LYS D 49 23.16 -2.22 -1.95
N PHE D 50 24.12 -1.32 -1.75
CA PHE D 50 24.91 -0.77 -2.84
C PHE D 50 26.39 -0.88 -2.49
N THR D 51 27.23 -0.79 -3.52
CA THR D 51 28.67 -0.82 -3.31
C THR D 51 29.20 0.60 -3.23
N MET D 52 30.46 0.73 -2.81
CA MET D 52 31.06 2.06 -2.74
C MET D 52 31.22 2.66 -4.12
N GLY D 53 31.48 1.83 -5.13
CA GLY D 53 31.58 2.34 -6.49
C GLY D 53 30.27 2.89 -7.01
N GLN D 54 29.17 2.17 -6.77
CA GLN D 54 27.87 2.64 -7.23
C GLN D 54 27.45 3.90 -6.47
N PHE D 55 27.77 3.97 -5.18
CA PHE D 55 27.49 5.19 -4.43
C PHE D 55 28.28 6.37 -4.97
N PHE D 56 29.56 6.16 -5.30
CA PHE D 56 30.37 7.24 -5.86
C PHE D 56 29.82 7.68 -7.22
N GLY D 57 29.43 6.73 -8.05
CA GLY D 57 28.83 7.09 -9.33
C GLY D 57 27.56 7.90 -9.14
N ALA D 58 26.74 7.52 -8.15
CA ALA D 58 25.54 8.28 -7.86
C ALA D 58 25.88 9.71 -7.46
N THR D 59 26.89 9.89 -6.61
CA THR D 59 27.25 11.24 -6.17
C THR D 59 27.76 12.08 -7.34
N LYS D 60 28.57 11.47 -8.22
CA LYS D 60 29.08 12.22 -9.36
C LYS D 60 27.94 12.63 -10.30
N ILE D 61 26.99 11.73 -10.55
CA ILE D 61 25.87 12.08 -11.42
C ILE D 61 25.00 13.15 -10.78
N ALA D 62 24.82 13.08 -9.46
CA ALA D 62 24.05 14.11 -8.77
C ALA D 62 24.70 15.47 -8.90
N GLY D 63 26.03 15.53 -8.70
CA GLY D 63 26.72 16.80 -8.87
C GLY D 63 26.65 17.32 -10.29
N LYS D 64 26.85 16.43 -11.28
CA LYS D 64 26.81 16.84 -12.67
C LYS D 64 25.43 17.37 -13.06
N ALA D 65 24.37 16.75 -12.56
CA ALA D 65 23.03 17.23 -12.85
C ALA D 65 22.76 18.56 -12.16
N PHE D 66 23.29 18.74 -10.95
CA PHE D 66 22.98 19.95 -10.18
C PHE D 66 23.86 21.13 -10.55
N MET D 67 24.94 20.92 -11.30
CA MET D 67 25.83 22.01 -11.66
C MET D 67 25.79 22.34 -13.15
N PHE D 68 25.68 21.36 -14.02
CA PHE D 68 25.65 21.59 -15.46
C PHE D 68 24.24 21.36 -15.97
N LYS D 69 23.61 22.43 -16.45
CA LYS D 69 22.24 22.36 -16.94
C LYS D 69 22.19 21.55 -18.23
N ALA D 70 20.99 21.11 -18.59
CA ALA D 70 20.81 20.31 -19.79
C ALA D 70 20.30 21.18 -20.93
N ASP D 71 20.85 20.96 -22.12
CA ASP D 71 20.59 21.85 -23.25
C ASP D 71 19.14 21.74 -23.72
N GLU D 72 18.54 22.88 -23.99
CA GLU D 72 17.20 22.89 -24.58
C GLU D 72 17.27 22.22 -25.94
N PRO D 73 16.31 21.36 -26.29
CA PRO D 73 16.40 20.64 -27.56
C PRO D 73 16.44 21.54 -28.79
N GLU D 74 15.75 22.69 -28.76
CA GLU D 74 15.74 23.57 -29.93
C GLU D 74 17.15 23.95 -30.34
N ASP D 75 18.03 24.20 -29.38
CA ASP D 75 19.42 24.48 -29.72
C ASP D 75 20.08 23.28 -30.39
N LEU D 76 19.67 22.08 -29.99
CA LEU D 76 20.19 20.87 -30.64
C LEU D 76 19.75 20.80 -32.09
N ILE D 77 18.49 21.10 -32.37
CA ILE D 77 18.06 21.11 -33.78
C ILE D 77 18.77 22.22 -34.55
N ALA D 78 18.98 23.37 -33.90
CA ALA D 78 19.68 24.46 -34.56
C ALA D 78 21.07 24.03 -34.98
N LYS D 79 21.84 23.44 -34.06
CA LYS D 79 23.17 22.98 -34.40
C LYS D 79 23.12 21.87 -35.44
N ILE D 80 22.13 20.97 -35.35
CA ILE D 80 22.03 19.86 -36.28
C ILE D 80 21.82 20.38 -37.71
N VAL D 81 20.87 21.30 -37.88
CA VAL D 81 20.64 21.83 -39.22
C VAL D 81 21.80 22.70 -39.68
N GLU D 82 22.50 23.36 -38.75
CA GLU D 82 23.66 24.14 -39.13
C GLU D 82 24.78 23.26 -39.67
N MET D 83 24.98 22.08 -39.07
CA MET D 83 26.03 21.19 -39.53
C MET D 83 25.58 20.18 -40.57
N ALA D 84 24.28 20.13 -40.87
CA ALA D 84 23.80 19.20 -41.89
C ALA D 84 24.13 19.68 -43.29
N ASP D 85 23.80 20.95 -43.60
CA ASP D 85 24.11 21.47 -44.93
C ASP D 85 25.61 21.63 -45.12
N ALA D 86 26.34 21.93 -44.04
CA ALA D 86 27.79 21.99 -44.13
C ALA D 86 28.37 20.63 -44.49
N ALA D 87 27.79 19.56 -43.95
CA ALA D 87 28.22 18.22 -44.27
C ALA D 87 27.87 17.86 -45.71
N ILE D 100 30.53 23.55 -31.28
CA ILE D 100 30.40 22.21 -30.72
C ILE D 100 30.51 22.27 -29.20
N ASN D 101 29.48 21.81 -28.50
CA ASN D 101 29.44 21.88 -27.05
C ASN D 101 28.99 20.58 -26.39
N ASN D 102 28.27 19.72 -27.10
CA ASN D 102 27.77 18.49 -26.49
C ASN D 102 28.69 17.33 -26.81
N THR D 103 29.18 16.65 -25.78
CA THR D 103 30.18 15.61 -25.98
C THR D 103 29.62 14.40 -26.73
N PHE D 104 28.32 14.12 -26.57
CA PHE D 104 27.72 13.04 -27.34
C PHE D 104 27.75 13.35 -28.83
N MET D 105 27.49 14.59 -29.19
CA MET D 105 27.58 14.98 -30.59
C MET D 105 29.03 14.90 -31.08
N GLN D 106 30.00 15.19 -30.20
CA GLN D 106 31.39 15.00 -30.57
C GLN D 106 31.68 13.53 -30.87
N LYS D 107 31.17 12.62 -30.04
CA LYS D 107 31.36 11.20 -30.32
C LYS D 107 30.70 10.81 -31.64
N GLY D 108 29.48 11.32 -31.87
CA GLY D 108 28.79 11.01 -33.10
C GLY D 108 29.55 11.45 -34.34
N ILE D 109 30.04 12.69 -34.33
CA ILE D 109 30.76 13.19 -35.49
C ILE D 109 32.12 12.51 -35.62
N ASP D 110 32.75 12.13 -34.51
CA ASP D 110 34.00 11.40 -34.58
C ASP D 110 33.81 10.05 -35.26
N LEU D 111 32.75 9.32 -34.87
CA LEU D 111 32.47 8.06 -35.54
C LEU D 111 32.06 8.26 -36.99
N LEU D 112 31.36 9.36 -37.30
CA LEU D 112 30.99 9.66 -38.68
C LEU D 112 32.24 9.90 -39.53
N VAL D 113 33.21 10.63 -38.99
CA VAL D 113 34.46 10.88 -39.69
C VAL D 113 35.25 9.60 -39.84
N ASP D 114 35.21 8.73 -38.82
CA ASP D 114 35.93 7.46 -38.88
C ASP D 114 35.50 6.61 -40.06
N GLY D 115 34.24 6.74 -40.50
CA GLY D 115 33.77 5.98 -41.63
C GLY D 115 33.08 4.69 -41.30
N HIS D 116 32.77 4.46 -40.03
CA HIS D 116 32.11 3.22 -39.62
C HIS D 116 30.73 3.12 -40.27
N ASP D 117 30.37 1.88 -40.61
CA ASP D 117 29.05 1.59 -41.15
C ASP D 117 27.95 1.96 -40.14
N ALA D 118 26.76 2.25 -40.67
CA ALA D 118 25.70 2.81 -39.86
C ALA D 118 25.29 1.87 -38.73
N ASP D 119 25.37 0.56 -38.96
CA ASP D 119 24.94 -0.42 -37.95
C ASP D 119 25.80 -0.32 -36.69
N VAL D 120 27.13 -0.25 -36.86
CA VAL D 120 28.01 -0.20 -35.70
C VAL D 120 27.88 1.14 -34.97
N VAL D 121 27.78 2.24 -35.72
CA VAL D 121 27.62 3.55 -35.09
C VAL D 121 26.33 3.59 -34.28
N ARG D 122 25.24 3.09 -34.86
CA ARG D 122 23.97 3.03 -34.15
C ARG D 122 24.08 2.18 -32.89
N ALA D 123 24.73 1.01 -33.00
CA ALA D 123 24.86 0.13 -31.84
C ALA D 123 25.63 0.82 -30.73
N ALA D 124 26.76 1.44 -31.06
CA ALA D 124 27.58 2.09 -30.04
C ALA D 124 26.84 3.26 -29.39
N LEU D 125 26.16 4.07 -30.19
CA LEU D 125 25.43 5.20 -29.62
C LEU D 125 24.29 4.73 -28.73
N LYS D 126 23.55 3.71 -29.17
CA LYS D 126 22.47 3.17 -28.34
C LYS D 126 23.01 2.60 -27.04
N LYS D 127 24.19 1.96 -27.10
CA LYS D 127 24.82 1.47 -25.87
C LYS D 127 25.15 2.62 -24.94
N ASP D 128 25.65 3.73 -25.48
CA ASP D 128 25.94 4.88 -24.62
C ASP D 128 24.67 5.43 -23.97
N ILE D 129 23.58 5.55 -24.73
CA ILE D 129 22.34 6.04 -24.13
C ILE D 129 21.86 5.09 -23.04
N ALA D 130 21.90 3.78 -23.28
CA ALA D 130 21.44 2.85 -22.27
C ALA D 130 22.32 2.92 -21.03
N LEU D 131 23.63 3.06 -21.21
CA LEU D 131 24.52 3.20 -20.06
C LEU D 131 24.16 4.43 -19.24
N THR D 132 23.94 5.56 -19.90
CA THR D 132 23.60 6.78 -19.18
C THR D 132 22.26 6.65 -18.47
N ASP D 133 21.27 6.03 -19.13
CA ASP D 133 19.97 5.82 -18.51
C ASP D 133 20.09 4.94 -17.28
N GLU D 134 20.84 3.84 -17.38
CA GLU D 134 21.00 2.95 -16.22
C GLU D 134 21.72 3.65 -15.09
N ARG D 135 22.75 4.44 -15.40
CA ARG D 135 23.45 5.18 -14.38
C ARG D 135 22.54 6.17 -13.68
N HIS D 136 21.70 6.88 -14.43
CA HIS D 136 20.78 7.84 -13.83
C HIS D 136 19.73 7.14 -12.96
N THR D 137 19.19 6.01 -13.44
CA THR D 137 18.23 5.26 -12.64
C THR D 137 18.88 4.75 -11.36
N GLN D 138 20.14 4.30 -11.44
CA GLN D 138 20.81 3.84 -10.24
C GLN D 138 21.08 4.98 -9.27
N GLY D 139 21.42 6.16 -9.78
CA GLY D 139 21.56 7.31 -8.90
C GLY D 139 20.26 7.67 -8.20
N THR D 140 19.16 7.64 -8.94
CA THR D 140 17.85 7.82 -8.34
C THR D 140 17.59 6.77 -7.28
N GLY D 141 17.95 5.52 -7.55
CA GLY D 141 17.74 4.46 -6.59
C GLY D 141 18.55 4.66 -5.32
N VAL D 142 19.81 5.08 -5.47
CA VAL D 142 20.66 5.31 -4.30
C VAL D 142 20.09 6.42 -3.44
N PHE D 143 19.69 7.53 -4.06
CA PHE D 143 19.18 8.64 -3.25
C PHE D 143 17.79 8.35 -2.70
N ARG D 144 17.02 7.51 -3.38
CA ARG D 144 15.75 7.06 -2.80
C ARG D 144 15.98 6.14 -1.62
N ALA D 145 17.01 5.28 -1.69
CA ALA D 145 17.35 4.44 -0.54
C ALA D 145 17.80 5.29 0.63
N PHE D 146 18.58 6.33 0.33
CA PHE D 146 18.99 7.28 1.37
C PHE D 146 17.79 7.97 1.99
N GLY D 147 16.84 8.42 1.17
CA GLY D 147 15.65 9.08 1.68
C GLY D 147 14.70 8.15 2.39
N ASP D 148 14.72 6.86 2.05
CA ASP D 148 13.89 5.88 2.74
C ASP D 148 14.47 5.55 4.11
N VAL D 149 15.79 5.42 4.21
CA VAL D 149 16.40 4.97 5.46
C VAL D 149 16.87 6.12 6.34
N ALA D 150 16.84 7.36 5.85
CA ALA D 150 17.16 8.49 6.72
C ALA D 150 16.15 8.71 7.85
N PRO D 151 14.83 8.73 7.61
CA PRO D 151 13.92 8.97 8.74
C PRO D 151 13.74 7.74 9.60
N ALA D 152 13.95 6.54 9.07
CA ALA D 152 13.97 5.36 9.91
C ALA D 152 15.07 5.46 10.94
N MET D 153 16.27 5.88 10.52
CA MET D 153 17.34 6.08 11.49
C MET D 153 17.17 7.37 12.27
N GLY D 154 16.34 8.30 11.80
CA GLY D 154 15.95 9.40 12.66
C GLY D 154 15.12 8.92 13.84
N MET D 155 14.19 8.00 13.59
CA MET D 155 13.43 7.43 14.69
C MET D 155 14.32 6.60 15.60
N ILE D 156 15.27 5.86 15.02
CA ILE D 156 16.23 5.13 15.87
C ILE D 156 17.02 6.10 16.73
N GLY D 157 17.47 7.21 16.16
CA GLY D 157 18.22 8.18 16.92
C GLY D 157 17.42 8.86 18.01
N THR D 158 16.17 9.20 17.72
CA THR D 158 15.33 9.77 18.77
C THR D 158 14.97 8.74 19.83
N LEU D 159 14.92 7.46 19.46
CA LEU D 159 14.78 6.41 20.48
C LEU D 159 15.98 6.39 21.40
N VAL D 160 17.19 6.48 20.83
CA VAL D 160 18.41 6.54 21.64
C VAL D 160 18.38 7.78 22.55
N GLY D 161 17.94 8.91 22.00
CA GLY D 161 17.93 10.13 22.78
C GLY D 161 16.93 10.10 23.91
N LEU D 162 15.75 9.54 23.66
CA LEU D 162 14.76 9.40 24.73
C LEU D 162 15.22 8.39 25.76
N VAL D 163 15.94 7.36 25.34
CA VAL D 163 16.54 6.42 26.29
C VAL D 163 17.50 7.16 27.22
N ALA D 164 18.38 7.99 26.64
CA ALA D 164 19.33 8.73 27.47
C ALA D 164 18.62 9.73 28.39
N MET D 165 17.63 10.44 27.84
CA MET D 165 16.91 11.45 28.61
C MET D 165 16.17 10.84 29.80
N LEU D 166 15.53 9.68 29.59
CA LEU D 166 14.82 9.04 30.69
C LEU D 166 15.79 8.33 31.63
N SER D 167 16.94 7.88 31.13
CA SER D 167 17.91 7.23 32.01
C SER D 167 18.65 8.24 32.87
N ASN D 168 18.65 9.51 32.49
CA ASN D 168 19.19 10.58 33.32
C ASN D 168 18.10 11.52 33.80
N MET D 169 16.94 10.97 34.13
CA MET D 169 15.75 11.75 34.48
C MET D 169 15.52 11.62 35.97
N ASP D 170 16.04 12.56 36.74
CA ASP D 170 15.78 12.61 38.18
C ASP D 170 14.63 13.55 38.53
N ASP D 171 14.27 14.46 37.63
CA ASP D 171 13.22 15.43 37.87
C ASP D 171 12.82 15.98 36.52
N PRO D 172 11.53 15.95 36.17
CA PRO D 172 11.09 16.47 34.86
C PRO D 172 11.32 17.97 34.69
N LYS D 173 11.90 18.64 35.69
CA LYS D 173 12.19 20.05 35.56
C LYS D 173 13.14 20.27 34.40
N ALA D 174 14.22 19.50 34.35
CA ALA D 174 15.24 19.62 33.30
C ALA D 174 15.17 18.44 32.34
N ILE D 175 14.28 18.54 31.37
CA ILE D 175 14.23 17.60 30.24
C ILE D 175 14.15 18.29 28.91
N GLY D 176 14.18 19.62 28.87
CA GLY D 176 14.04 20.37 27.65
C GLY D 176 15.07 20.02 26.60
N PRO D 177 16.34 20.36 26.85
CA PRO D 177 17.38 20.07 25.86
C PRO D 177 17.57 18.58 25.57
N ALA D 178 17.40 17.73 26.58
CA ALA D 178 17.56 16.30 26.38
C ALA D 178 16.54 15.78 25.38
N MET D 179 15.27 16.16 25.54
CA MET D 179 14.27 15.82 24.55
C MET D 179 14.54 16.52 23.23
N ALA D 180 15.16 17.71 23.31
CA ALA D 180 15.40 18.51 22.12
C ALA D 180 16.35 17.81 21.16
N VAL D 181 17.41 17.19 21.69
CA VAL D 181 18.37 16.51 20.82
C VAL D 181 17.74 15.28 20.15
N ALA D 182 16.84 14.60 20.87
CA ALA D 182 16.10 13.51 20.24
C ALA D 182 15.26 14.02 19.08
N LEU D 183 14.46 15.05 19.34
CA LEU D 183 13.71 15.69 18.25
C LEU D 183 14.63 16.16 17.15
N LEU D 184 15.87 16.50 17.50
CA LEU D 184 16.82 17.00 16.52
C LEU D 184 17.25 15.91 15.56
N THR D 185 17.53 14.72 16.08
CA THR D 185 17.81 13.61 15.18
C THR D 185 16.62 13.32 14.28
N THR D 186 15.42 13.39 14.85
CA THR D 186 14.23 13.19 14.03
C THR D 186 14.16 14.23 12.91
N LEU D 187 14.44 15.48 13.25
CA LEU D 187 14.36 16.56 12.27
C LEU D 187 15.43 16.43 11.20
N TYR D 188 16.62 15.98 11.56
CA TYR D 188 17.65 15.73 10.55
C TYR D 188 17.20 14.67 9.57
N GLY D 189 16.62 13.58 10.08
CA GLY D 189 16.07 12.58 9.18
C GLY D 189 15.02 13.15 8.27
N ALA D 190 14.10 13.95 8.83
CA ALA D 190 13.00 14.51 8.04
C ALA D 190 13.51 15.45 6.95
N ILE D 191 14.45 16.32 7.30
CA ILE D 191 14.97 17.29 6.35
C ILE D 191 15.76 16.59 5.25
N LEU D 192 16.65 15.68 5.62
CA LEU D 192 17.45 14.98 4.61
C LEU D 192 16.57 14.16 3.69
N SER D 193 15.50 13.56 4.22
CA SER D 193 14.63 12.77 3.36
C SER D 193 13.80 13.65 2.45
N ASN D 194 13.19 14.71 2.98
CA ASN D 194 12.20 15.48 2.24
C ASN D 194 12.82 16.53 1.33
N MET D 195 13.98 17.08 1.69
CA MET D 195 14.51 18.23 1.00
C MET D 195 15.85 18.01 0.33
N VAL D 196 16.51 16.88 0.57
CA VAL D 196 17.79 16.62 -0.09
C VAL D 196 17.70 15.37 -0.95
N PHE D 197 17.49 14.21 -0.33
CA PHE D 197 17.62 12.95 -1.05
C PHE D 197 16.44 12.71 -1.97
N PHE D 198 15.25 13.01 -1.52
CA PHE D 198 14.11 12.81 -2.41
C PHE D 198 14.05 13.90 -3.48
N PRO D 199 14.33 15.17 -3.19
CA PRO D 199 14.50 16.14 -4.28
C PRO D 199 15.63 15.81 -5.24
N ILE D 200 16.76 15.29 -4.75
CA ILE D 200 17.83 14.88 -5.67
C ILE D 200 17.36 13.73 -6.54
N ALA D 201 16.65 12.76 -5.96
CA ALA D 201 16.14 11.65 -6.74
C ALA D 201 15.16 12.12 -7.80
N ASP D 202 14.27 13.05 -7.43
CA ASP D 202 13.31 13.56 -8.39
C ASP D 202 13.97 14.40 -9.47
N LYS D 203 14.95 15.23 -9.10
CA LYS D 203 15.71 15.98 -10.08
C LYS D 203 16.49 15.07 -11.00
N LEU D 204 16.95 13.92 -10.50
CA LEU D 204 17.65 12.98 -11.36
C LEU D 204 16.68 12.27 -12.30
N SER D 205 15.46 11.98 -11.84
CA SER D 205 14.47 11.46 -12.77
C SER D 205 14.16 12.48 -13.87
N LEU D 206 14.00 13.74 -13.48
CA LEU D 206 13.74 14.80 -14.46
C LEU D 206 14.91 14.94 -15.43
N ARG D 207 16.14 14.91 -14.91
CA ARG D 207 17.33 15.01 -15.73
C ARG D 207 17.48 13.81 -16.64
N ARG D 208 17.01 12.63 -16.21
CA ARG D 208 17.08 11.47 -17.06
C ARG D 208 16.05 11.53 -18.17
N ASP D 209 14.87 12.08 -17.88
CA ASP D 209 13.91 12.31 -18.96
C ASP D 209 14.45 13.31 -19.99
N GLN D 210 15.03 14.40 -19.50
CA GLN D 210 15.63 15.38 -20.41
C GLN D 210 16.79 14.76 -21.18
N GLU D 211 17.58 13.91 -20.52
CA GLU D 211 18.68 13.21 -21.19
C GLU D 211 18.16 12.27 -22.26
N THR D 212 17.09 11.54 -21.98
CA THR D 212 16.53 10.65 -23.00
C THR D 212 16.11 11.45 -24.23
N LEU D 213 15.44 12.57 -24.00
CA LEU D 213 15.01 13.41 -25.10
C LEU D 213 16.21 13.93 -25.90
N ASN D 214 17.21 14.49 -25.22
CA ASN D 214 18.37 15.05 -25.90
C ASN D 214 19.13 13.97 -26.65
N ARG D 215 19.34 12.82 -26.03
CA ARG D 215 20.07 11.74 -26.66
C ARG D 215 19.36 11.23 -27.89
N ARG D 216 18.02 11.09 -27.83
CA ARG D 216 17.32 10.53 -28.99
C ARG D 216 17.25 11.54 -30.13
N LEU D 217 17.10 12.83 -29.81
CA LEU D 217 17.19 13.84 -30.86
C LEU D 217 18.57 13.85 -31.50
N ILE D 218 19.62 13.69 -30.68
CA ILE D 218 20.96 13.61 -31.25
C ILE D 218 21.08 12.39 -32.15
N MET D 219 20.49 11.27 -31.74
CA MET D 219 20.50 10.07 -32.57
C MET D 219 19.88 10.35 -33.94
N ASP D 220 18.68 10.91 -33.94
CA ASP D 220 17.99 11.16 -35.21
C ASP D 220 18.77 12.12 -36.09
N GLY D 221 19.32 13.18 -35.48
CA GLY D 221 20.11 14.13 -36.25
C GLY D 221 21.36 13.50 -36.84
N VAL D 222 22.05 12.68 -36.06
CA VAL D 222 23.27 12.05 -36.55
C VAL D 222 22.95 11.08 -37.68
N LEU D 223 21.84 10.35 -37.56
CA LEU D 223 21.43 9.46 -38.64
C LEU D 223 21.11 10.25 -39.91
N ALA D 224 20.42 11.38 -39.77
CA ALA D 224 20.11 12.20 -40.94
C ALA D 224 21.39 12.72 -41.59
N ILE D 225 22.36 13.13 -40.77
CA ILE D 225 23.64 13.60 -41.31
C ILE D 225 24.34 12.47 -42.05
N GLN D 226 24.33 11.28 -41.49
CA GLN D 226 25.00 10.15 -42.13
C GLN D 226 24.35 9.80 -43.46
N ASP D 227 23.02 9.85 -43.53
CA ASP D 227 22.34 9.61 -44.80
C ASP D 227 22.64 10.71 -45.82
N GLY D 228 22.66 11.96 -45.38
CA GLY D 228 22.93 13.08 -46.25
C GLY D 228 21.70 13.81 -46.77
N GLN D 229 20.66 13.95 -45.96
CA GLN D 229 19.41 14.53 -46.42
C GLN D 229 19.40 16.04 -46.21
N ASN D 230 18.23 16.64 -46.46
CA ASN D 230 18.07 18.08 -46.34
C ASN D 230 17.83 18.48 -44.88
N PRO D 231 18.16 19.73 -44.52
CA PRO D 231 17.90 20.17 -43.14
C PRO D 231 16.43 20.42 -42.85
N ARG D 232 15.65 20.86 -43.83
CA ARG D 232 14.26 21.21 -43.59
C ARG D 232 13.39 19.96 -43.42
N VAL D 233 13.71 18.89 -44.15
CA VAL D 233 12.81 17.74 -44.23
C VAL D 233 12.71 17.04 -42.88
N ILE D 234 13.82 16.97 -42.14
CA ILE D 234 13.81 16.30 -40.85
C ILE D 234 13.10 17.15 -39.80
N ASP D 235 13.07 18.46 -40.00
CA ASP D 235 12.41 19.33 -39.03
C ASP D 235 10.90 19.20 -39.07
N SER D 236 10.35 18.53 -40.07
CA SER D 236 8.90 18.33 -40.11
C SER D 236 8.46 17.25 -39.14
N TYR D 237 9.20 16.14 -39.09
CA TYR D 237 8.88 15.04 -38.19
C TYR D 237 9.59 15.13 -36.85
N LEU D 238 10.61 15.98 -36.73
CA LEU D 238 11.37 16.00 -35.50
C LEU D 238 10.64 16.74 -34.38
N LYS D 239 9.87 17.78 -34.72
CA LYS D 239 9.14 18.53 -33.70
C LYS D 239 7.84 17.90 -33.28
N ASN D 240 7.45 16.75 -33.84
CA ASN D 240 6.15 16.18 -33.53
C ASN D 240 6.08 15.68 -32.08
N TYR D 241 7.19 15.19 -31.55
CA TYR D 241 7.24 14.60 -30.22
C TYR D 241 8.09 15.41 -29.25
N LEU D 242 8.09 16.74 -29.40
CA LEU D 242 8.91 17.57 -28.54
C LEU D 242 8.40 17.55 -27.10
N ASN D 243 7.09 17.62 -26.91
CA ASN D 243 6.48 17.57 -25.59
C ASN D 243 5.92 16.18 -25.32
N GLU D 244 6.82 15.25 -25.01
CA GLU D 244 6.46 13.85 -24.84
C GLU D 244 6.44 13.49 -23.36
N GLY D 245 5.34 12.86 -22.92
CA GLY D 245 5.23 12.38 -21.56
C GLY D 245 4.93 13.43 -20.53
N LYS D 246 5.90 13.71 -19.65
CA LYS D 246 5.68 14.66 -18.57
C LYS D 246 5.48 16.09 -19.07
N ARG D 247 5.78 16.36 -20.33
CA ARG D 247 5.51 17.67 -20.89
C ARG D 247 4.12 17.78 -21.49
N ALA D 248 3.33 16.70 -21.47
CA ALA D 248 2.02 16.72 -22.09
C ALA D 248 1.03 17.58 -21.34
N LEU D 249 1.26 17.85 -20.05
CA LEU D 249 0.40 18.75 -19.31
C LEU D 249 0.66 20.20 -19.71
N GLU D 250 1.88 20.49 -20.20
CA GLU D 250 2.28 21.87 -20.44
C GLU D 250 1.40 22.55 -21.48
N ILE D 251 1.11 21.86 -22.58
CA ILE D 251 0.38 22.47 -23.69
C ILE D 251 -1.07 22.72 -23.30
N ILE E 26 4.33 40.25 16.54
CA ILE E 26 5.00 38.96 16.51
C ILE E 26 4.08 37.91 15.91
N GLY E 27 2.78 38.05 16.17
CA GLY E 27 1.82 37.09 15.64
C GLY E 27 1.81 37.05 14.12
N MET E 28 1.88 38.22 13.48
CA MET E 28 1.94 38.25 12.03
C MET E 28 3.20 37.57 11.53
N PHE E 29 4.32 37.73 12.26
CA PHE E 29 5.54 37.03 11.90
C PHE E 29 5.35 35.52 12.00
N VAL E 30 4.64 35.07 13.03
CA VAL E 30 4.39 33.64 13.19
C VAL E 30 3.54 33.10 12.05
N ASP E 31 2.47 33.81 11.71
CA ASP E 31 1.62 33.37 10.61
C ASP E 31 2.40 33.33 9.31
N VAL E 32 3.20 34.35 9.05
CA VAL E 32 4.01 34.37 7.83
C VAL E 32 4.99 33.22 7.82
N THR E 33 5.64 32.94 8.95
CA THR E 33 6.63 31.87 8.99
C THR E 33 5.98 30.50 8.80
N SER E 34 4.81 30.27 9.38
CA SER E 34 4.14 28.98 9.21
C SER E 34 3.66 28.78 7.78
N ILE E 35 3.02 29.80 7.21
CA ILE E 35 2.63 29.74 5.81
C ILE E 35 3.86 29.54 4.93
N LEU E 36 4.96 30.21 5.27
CA LEU E 36 6.17 30.08 4.46
C LEU E 36 6.71 28.66 4.52
N ILE E 37 6.92 28.13 5.73
CA ILE E 37 7.41 26.76 5.85
C ILE E 37 6.54 25.83 5.02
N VAL E 38 5.24 25.78 5.32
CA VAL E 38 4.37 24.81 4.65
C VAL E 38 4.37 25.05 3.14
N VAL E 39 3.91 26.22 2.71
CA VAL E 39 3.64 26.45 1.30
C VAL E 39 4.94 26.54 0.51
N GLY E 40 5.94 27.25 1.02
CA GLY E 40 7.21 27.31 0.33
C GLY E 40 7.89 25.96 0.21
N GLY E 41 7.89 25.17 1.27
CA GLY E 41 8.48 23.84 1.17
C GLY E 41 7.73 22.95 0.22
N SER E 42 6.39 22.99 0.27
CA SER E 42 5.60 22.20 -0.67
C SER E 42 5.89 22.62 -2.10
N ILE E 43 5.95 23.93 -2.36
CA ILE E 43 6.24 24.42 -3.69
C ILE E 43 7.62 23.99 -4.13
N PHE E 44 8.62 24.13 -3.26
CA PHE E 44 9.99 23.78 -3.64
C PHE E 44 10.11 22.31 -3.95
N VAL E 45 9.53 21.45 -3.11
CA VAL E 45 9.65 20.02 -3.31
C VAL E 45 8.89 19.57 -4.56
N VAL E 46 7.72 20.19 -4.82
CA VAL E 46 7.00 19.87 -6.04
C VAL E 46 7.77 20.35 -7.25
N LEU E 47 8.44 21.50 -7.15
CA LEU E 47 9.14 22.05 -8.30
C LEU E 47 10.30 21.17 -8.73
N MET E 48 10.92 20.47 -7.79
CA MET E 48 11.92 19.48 -8.16
C MET E 48 11.29 18.33 -8.94
N LYS E 49 10.10 17.89 -8.52
CA LYS E 49 9.44 16.79 -9.19
C LYS E 49 8.84 17.21 -10.53
N PHE E 50 8.20 18.37 -10.57
CA PHE E 50 7.48 18.83 -11.74
C PHE E 50 8.09 20.09 -12.31
N THR E 51 8.13 20.17 -13.64
CA THR E 51 8.53 21.38 -14.33
C THR E 51 7.58 22.52 -13.97
N MET E 52 8.10 23.75 -14.02
CA MET E 52 7.27 24.90 -13.68
C MET E 52 6.10 25.03 -14.65
N GLY E 53 6.31 24.69 -15.91
CA GLY E 53 5.21 24.66 -16.86
C GLY E 53 4.14 23.66 -16.46
N GLN E 54 4.56 22.50 -15.96
CA GLN E 54 3.62 21.51 -15.46
C GLN E 54 2.80 22.05 -14.30
N PHE E 55 3.46 22.73 -13.36
CA PHE E 55 2.74 23.27 -12.21
C PHE E 55 1.74 24.33 -12.63
N PHE E 56 2.14 25.21 -13.55
CA PHE E 56 1.22 26.24 -14.04
C PHE E 56 0.03 25.62 -14.74
N GLY E 57 0.26 24.64 -15.61
CA GLY E 57 -0.84 23.98 -16.28
C GLY E 57 -1.78 23.26 -15.33
N ALA E 58 -1.21 22.64 -14.29
CA ALA E 58 -2.05 21.95 -13.32
C ALA E 58 -2.92 22.93 -12.55
N THR E 59 -2.37 24.08 -12.19
CA THR E 59 -3.20 25.11 -11.56
C THR E 59 -4.29 25.58 -12.50
N LYS E 60 -3.96 25.75 -13.79
CA LYS E 60 -4.97 26.16 -14.76
C LYS E 60 -6.09 25.15 -14.87
N ILE E 61 -5.74 23.86 -14.86
CA ILE E 61 -6.75 22.81 -14.99
C ILE E 61 -7.62 22.75 -13.73
N ALA E 62 -7.02 22.94 -12.55
CA ALA E 62 -7.82 22.99 -11.34
C ALA E 62 -8.82 24.14 -11.39
N GLY E 63 -8.36 25.31 -11.85
CA GLY E 63 -9.27 26.43 -11.99
C GLY E 63 -10.38 26.16 -12.98
N LYS E 64 -10.04 25.55 -14.13
CA LYS E 64 -11.05 25.26 -15.13
C LYS E 64 -12.08 24.27 -14.60
N ALA E 65 -11.64 23.24 -13.89
CA ALA E 65 -12.57 22.29 -13.30
C ALA E 65 -13.48 22.95 -12.28
N PHE E 66 -12.94 23.85 -11.46
CA PHE E 66 -13.76 24.49 -10.44
C PHE E 66 -14.63 25.63 -10.99
N MET E 67 -14.37 26.08 -12.22
CA MET E 67 -15.01 27.28 -12.74
C MET E 67 -16.03 27.01 -13.83
N PHE E 68 -15.99 25.84 -14.46
CA PHE E 68 -16.94 25.52 -15.52
C PHE E 68 -17.63 24.21 -15.18
N LYS E 69 -18.94 24.18 -15.35
CA LYS E 69 -19.71 22.98 -15.07
C LYS E 69 -19.76 22.14 -16.34
N ALA E 70 -19.32 20.89 -16.24
CA ALA E 70 -19.30 20.03 -17.42
C ALA E 70 -20.71 19.85 -17.97
N ASP E 71 -20.83 19.91 -19.30
CA ASP E 71 -22.13 19.78 -19.93
C ASP E 71 -22.75 18.43 -19.61
N GLU E 72 -24.04 18.46 -19.28
CA GLU E 72 -24.73 17.24 -18.87
C GLU E 72 -24.81 16.26 -20.03
N PRO E 73 -24.66 14.97 -19.78
CA PRO E 73 -24.78 13.98 -20.86
C PRO E 73 -26.16 13.93 -21.49
N GLU E 74 -27.20 14.37 -20.78
CA GLU E 74 -28.52 14.46 -21.41
C GLU E 74 -28.50 15.43 -22.59
N ASP E 75 -27.85 16.58 -22.43
CA ASP E 75 -27.78 17.56 -23.50
C ASP E 75 -27.00 17.03 -24.69
N LEU E 76 -25.92 16.29 -24.44
CA LEU E 76 -25.14 15.74 -25.54
C LEU E 76 -25.92 14.65 -26.26
N ILE E 77 -26.67 13.82 -25.53
CA ILE E 77 -27.51 12.83 -26.18
C ILE E 77 -28.57 13.52 -27.04
N ALA E 78 -29.16 14.60 -26.51
CA ALA E 78 -30.12 15.37 -27.29
C ALA E 78 -29.50 15.91 -28.58
N LYS E 79 -28.32 16.52 -28.48
CA LYS E 79 -27.65 17.05 -29.67
C LYS E 79 -27.31 15.94 -30.65
N ILE E 80 -26.83 14.81 -30.14
CA ILE E 80 -26.43 13.70 -31.01
C ILE E 80 -27.65 13.18 -31.76
N VAL E 81 -28.78 13.00 -31.09
CA VAL E 81 -29.97 12.53 -31.81
C VAL E 81 -30.47 13.62 -32.75
N GLU E 82 -30.22 14.89 -32.44
CA GLU E 82 -30.67 15.96 -33.32
C GLU E 82 -29.94 15.93 -34.66
N MET E 83 -28.61 15.81 -34.64
CA MET E 83 -27.95 15.58 -35.92
C MET E 83 -28.09 14.15 -36.43
N ALA E 84 -28.62 13.24 -35.61
CA ALA E 84 -28.91 11.90 -36.12
C ALA E 84 -30.13 11.91 -37.03
N ASP E 85 -31.17 12.64 -36.64
CA ASP E 85 -32.35 12.75 -37.50
C ASP E 85 -32.28 14.00 -38.37
N ALA E 86 -31.19 14.76 -38.31
CA ALA E 86 -30.99 15.87 -39.23
C ALA E 86 -30.45 15.41 -40.58
N ALA E 87 -29.99 14.18 -40.69
CA ALA E 87 -29.43 13.67 -41.93
C ALA E 87 -30.39 12.69 -42.60
N ILE E 100 -24.70 24.64 -32.25
CA ILE E 100 -23.53 23.82 -31.95
C ILE E 100 -22.59 24.55 -30.99
N ASN E 101 -22.26 23.89 -29.88
CA ASN E 101 -21.50 24.55 -28.83
C ASN E 101 -20.21 23.79 -28.50
N ASN E 102 -20.26 22.47 -28.44
CA ASN E 102 -19.13 21.70 -27.93
C ASN E 102 -17.98 21.66 -28.92
N THR E 103 -16.78 21.96 -28.43
CA THR E 103 -15.60 21.99 -29.29
C THR E 103 -15.27 20.60 -29.85
N PHE E 104 -15.38 19.56 -29.02
CA PHE E 104 -15.14 18.22 -29.52
C PHE E 104 -16.22 17.79 -30.51
N MET E 105 -17.46 18.21 -30.26
CA MET E 105 -18.49 18.06 -31.29
C MET E 105 -18.07 18.76 -32.57
N GLN E 106 -17.49 19.95 -32.47
CA GLN E 106 -17.07 20.68 -33.66
C GLN E 106 -15.99 19.92 -34.41
N LYS E 107 -15.01 19.38 -33.70
CA LYS E 107 -13.95 18.60 -34.35
C LYS E 107 -14.50 17.35 -35.02
N GLY E 108 -15.39 16.63 -34.32
CA GLY E 108 -15.98 15.45 -34.93
C GLY E 108 -16.81 15.76 -36.15
N ILE E 109 -17.58 16.85 -36.10
CA ILE E 109 -18.39 17.25 -37.25
C ILE E 109 -17.50 17.64 -38.42
N ASP E 110 -16.43 18.39 -38.14
CA ASP E 110 -15.51 18.78 -39.21
C ASP E 110 -14.87 17.55 -39.84
N LEU E 111 -14.47 16.58 -39.03
CA LEU E 111 -13.84 15.37 -39.58
C LEU E 111 -14.85 14.55 -40.37
N LEU E 112 -16.11 14.53 -39.94
CA LEU E 112 -17.12 13.75 -40.66
C LEU E 112 -17.46 14.40 -42.00
N VAL E 113 -17.50 15.73 -42.04
CA VAL E 113 -17.77 16.42 -43.30
C VAL E 113 -16.57 16.29 -44.24
N ASP E 114 -15.34 16.37 -43.69
CA ASP E 114 -14.13 16.31 -44.51
C ASP E 114 -13.94 14.98 -45.22
N GLY E 115 -14.86 14.04 -45.10
CA GLY E 115 -14.77 12.79 -45.85
C GLY E 115 -13.60 11.92 -45.47
N HIS E 116 -13.25 11.89 -44.18
CA HIS E 116 -12.16 11.06 -43.70
C HIS E 116 -12.71 9.79 -43.07
N ASP E 117 -12.11 8.66 -43.46
CA ASP E 117 -12.63 7.36 -43.08
C ASP E 117 -12.65 7.17 -41.57
N ALA E 118 -13.41 6.17 -41.12
CA ALA E 118 -13.69 6.01 -39.71
C ALA E 118 -12.45 5.68 -38.91
N ASP E 119 -11.48 4.98 -39.50
CA ASP E 119 -10.27 4.61 -38.76
C ASP E 119 -9.44 5.84 -38.42
N VAL E 120 -9.24 6.72 -39.40
CA VAL E 120 -8.41 7.90 -39.18
C VAL E 120 -9.06 8.82 -38.15
N VAL E 121 -10.36 9.10 -38.32
CA VAL E 121 -11.07 9.96 -37.39
C VAL E 121 -11.07 9.37 -35.99
N ARG E 122 -11.38 8.07 -35.91
CA ARG E 122 -11.42 7.40 -34.61
C ARG E 122 -10.07 7.47 -33.92
N ALA E 123 -8.98 7.15 -34.64
CA ALA E 123 -7.67 7.17 -34.02
C ALA E 123 -7.27 8.59 -33.60
N ALA E 124 -7.53 9.58 -34.43
CA ALA E 124 -7.15 10.95 -34.08
C ALA E 124 -7.91 11.44 -32.85
N LEU E 125 -9.21 11.20 -32.80
CA LEU E 125 -9.95 11.72 -31.65
C LEU E 125 -9.74 10.86 -30.41
N LYS E 126 -9.41 9.58 -30.58
CA LYS E 126 -8.96 8.78 -29.45
C LYS E 126 -7.64 9.31 -28.91
N LYS E 127 -6.75 9.76 -29.80
CA LYS E 127 -5.53 10.42 -29.36
C LYS E 127 -5.85 11.69 -28.57
N ASP E 128 -6.81 12.48 -29.05
CA ASP E 128 -7.19 13.69 -28.33
C ASP E 128 -7.76 13.36 -26.95
N ILE E 129 -8.59 12.32 -26.87
CA ILE E 129 -9.13 11.89 -25.58
C ILE E 129 -8.01 11.44 -24.66
N ALA E 130 -7.07 10.68 -25.18
CA ALA E 130 -5.93 10.24 -24.37
C ALA E 130 -5.12 11.42 -23.90
N LEU E 131 -5.00 12.46 -24.73
CA LEU E 131 -4.25 13.65 -24.33
C LEU E 131 -4.94 14.35 -23.17
N THR E 132 -6.27 14.50 -23.24
CA THR E 132 -6.97 15.14 -22.13
C THR E 132 -6.93 14.26 -20.88
N ASP E 133 -6.98 12.94 -21.05
CA ASP E 133 -6.85 12.03 -19.92
C ASP E 133 -5.48 12.16 -19.26
N GLU E 134 -4.42 12.24 -20.06
CA GLU E 134 -3.08 12.36 -19.51
C GLU E 134 -2.90 13.70 -18.82
N ARG E 135 -3.47 14.76 -19.39
CA ARG E 135 -3.42 16.07 -18.75
C ARG E 135 -4.09 16.06 -17.39
N HIS E 136 -5.30 15.50 -17.31
CA HIS E 136 -6.01 15.48 -16.04
C HIS E 136 -5.30 14.58 -15.03
N THR E 137 -4.74 13.46 -15.50
CA THR E 137 -3.97 12.59 -14.62
C THR E 137 -2.76 13.32 -14.05
N GLN E 138 -2.08 14.12 -14.87
CA GLN E 138 -0.87 14.78 -14.41
C GLN E 138 -1.19 15.94 -13.47
N GLY E 139 -2.29 16.65 -13.71
CA GLY E 139 -2.72 17.65 -12.73
C GLY E 139 -3.13 17.03 -11.41
N THR E 140 -3.83 15.89 -11.46
CA THR E 140 -4.11 15.15 -10.25
C THR E 140 -2.83 14.75 -9.55
N GLY E 141 -1.81 14.37 -10.31
CA GLY E 141 -0.54 14.02 -9.71
C GLY E 141 0.13 15.18 -9.01
N VAL E 142 0.06 16.37 -9.61
CA VAL E 142 0.66 17.55 -8.99
C VAL E 142 -0.04 17.85 -7.67
N PHE E 143 -1.37 17.79 -7.64
CA PHE E 143 -2.06 18.10 -6.39
C PHE E 143 -1.93 16.98 -5.36
N ARG E 144 -1.83 15.73 -5.81
CA ARG E 144 -1.51 14.65 -4.90
C ARG E 144 -0.12 14.84 -4.30
N ALA E 145 0.84 15.28 -5.10
CA ALA E 145 2.19 15.54 -4.60
C ALA E 145 2.18 16.65 -3.56
N PHE E 146 1.38 17.69 -3.81
CA PHE E 146 1.22 18.74 -2.81
C PHE E 146 0.62 18.19 -1.52
N GLY E 147 -0.39 17.32 -1.64
CA GLY E 147 -1.03 16.80 -0.44
C GLY E 147 -0.19 15.79 0.30
N ASP E 148 0.78 15.19 -0.38
CA ASP E 148 1.74 14.32 0.30
C ASP E 148 2.82 15.12 0.99
N VAL E 149 3.31 16.18 0.35
CA VAL E 149 4.40 16.94 0.92
C VAL E 149 3.93 17.90 2.01
N ALA E 150 2.66 18.31 1.97
CA ALA E 150 2.19 19.29 2.95
C ALA E 150 2.29 18.80 4.39
N PRO E 151 1.86 17.58 4.75
CA PRO E 151 2.05 17.15 6.14
C PRO E 151 3.49 16.83 6.46
N ALA E 152 4.30 16.45 5.47
CA ALA E 152 5.74 16.29 5.70
C ALA E 152 6.37 17.61 6.10
N MET E 153 6.04 18.69 5.38
CA MET E 153 6.56 20.01 5.74
C MET E 153 5.95 20.51 7.04
N GLY E 154 4.70 20.13 7.33
CA GLY E 154 4.15 20.45 8.63
C GLY E 154 4.89 19.75 9.76
N MET E 155 5.32 18.51 9.52
CA MET E 155 6.11 17.83 10.54
C MET E 155 7.49 18.44 10.67
N ILE E 156 8.11 18.83 9.56
CA ILE E 156 9.38 19.56 9.66
C ILE E 156 9.18 20.82 10.47
N GLY E 157 8.07 21.52 10.25
CA GLY E 157 7.79 22.72 11.01
C GLY E 157 7.58 22.47 12.48
N THR E 158 6.86 21.41 12.83
CA THR E 158 6.66 21.14 14.26
C THR E 158 7.94 20.65 14.91
N LEU E 159 8.76 19.89 14.20
CA LEU E 159 10.06 19.52 14.75
C LEU E 159 10.90 20.75 15.01
N VAL E 160 10.93 21.69 14.06
CA VAL E 160 11.68 22.93 14.26
C VAL E 160 11.14 23.71 15.44
N GLY E 161 9.81 23.88 15.51
CA GLY E 161 9.23 24.66 16.57
C GLY E 161 9.43 24.04 17.94
N LEU E 162 9.31 22.72 18.02
CA LEU E 162 9.47 22.06 19.31
C LEU E 162 10.93 22.02 19.73
N VAL E 163 11.84 21.86 18.77
CA VAL E 163 13.26 21.98 19.12
C VAL E 163 13.55 23.37 19.67
N ALA E 164 13.02 24.40 19.01
CA ALA E 164 13.23 25.76 19.48
C ALA E 164 12.65 25.98 20.88
N MET E 165 11.44 25.46 21.12
CA MET E 165 10.82 25.63 22.44
C MET E 165 11.57 24.88 23.51
N LEU E 166 11.93 23.62 23.25
CA LEU E 166 12.58 22.79 24.26
C LEU E 166 14.00 23.26 24.53
N SER E 167 14.62 23.95 23.58
CA SER E 167 15.92 24.55 23.86
C SER E 167 15.77 25.82 24.68
N ASN E 168 14.62 26.48 24.62
CA ASN E 168 14.46 27.83 25.16
C ASN E 168 13.39 27.89 26.25
N MET E 169 13.42 26.93 27.17
CA MET E 169 12.57 26.99 28.35
C MET E 169 12.85 28.19 29.26
N ASP E 170 13.82 29.03 28.91
CA ASP E 170 14.23 30.13 29.78
C ASP E 170 13.46 31.42 29.52
N ASP E 171 12.56 31.44 28.55
CA ASP E 171 11.88 32.68 28.23
C ASP E 171 10.56 32.41 27.50
N PRO E 172 9.56 33.26 27.71
CA PRO E 172 8.32 33.17 26.93
C PRO E 172 8.46 33.64 25.49
N LYS E 173 9.19 34.74 25.30
CA LYS E 173 9.33 35.36 23.98
C LYS E 173 9.83 34.37 22.95
N ALA E 174 10.40 33.24 23.37
CA ALA E 174 10.82 32.18 22.45
C ALA E 174 9.77 31.08 22.32
N ILE E 175 9.17 30.65 23.44
CA ILE E 175 8.32 29.46 23.38
C ILE E 175 6.94 29.78 22.82
N GLY E 176 6.50 31.02 22.97
CA GLY E 176 5.24 31.43 22.40
C GLY E 176 5.23 31.26 20.89
N PRO E 177 6.03 32.07 20.20
CA PRO E 177 6.09 31.94 18.74
C PRO E 177 6.53 30.56 18.28
N ALA E 178 7.37 29.87 19.04
CA ALA E 178 7.83 28.55 18.62
C ALA E 178 6.68 27.55 18.63
N MET E 179 5.90 27.52 19.71
CA MET E 179 4.74 26.64 19.75
C MET E 179 3.70 27.04 18.71
N ALA E 180 3.50 28.35 18.52
CA ALA E 180 2.56 28.81 17.49
C ALA E 180 3.01 28.35 16.11
N VAL E 181 4.30 28.48 15.82
CA VAL E 181 4.81 28.02 14.53
C VAL E 181 4.55 26.52 14.37
N ALA E 182 4.87 25.73 15.39
CA ALA E 182 4.73 24.29 15.28
C ALA E 182 3.27 23.88 15.06
N LEU E 183 2.38 24.38 15.91
CA LEU E 183 0.98 24.03 15.81
C LEU E 183 0.35 24.52 14.51
N LEU E 184 0.62 25.77 14.13
CA LEU E 184 -0.02 26.30 12.94
C LEU E 184 0.54 25.67 11.68
N THR E 185 1.83 25.35 11.67
CA THR E 185 2.38 24.68 10.50
C THR E 185 1.82 23.27 10.37
N THR E 186 1.59 22.58 11.50
CA THR E 186 0.95 21.27 11.43
C THR E 186 -0.51 21.39 10.97
N LEU E 187 -1.24 22.36 11.51
CA LEU E 187 -2.63 22.54 11.15
C LEU E 187 -2.79 22.93 9.68
N TYR E 188 -1.91 23.80 9.18
CA TYR E 188 -1.91 24.15 7.78
C TYR E 188 -1.56 22.95 6.91
N GLY E 189 -0.60 22.13 7.34
CA GLY E 189 -0.34 20.91 6.61
C GLY E 189 -1.59 20.04 6.50
N ALA E 190 -2.28 19.86 7.61
CA ALA E 190 -3.48 19.02 7.61
C ALA E 190 -4.56 19.61 6.73
N ILE E 191 -4.82 20.92 6.85
CA ILE E 191 -5.91 21.54 6.11
C ILE E 191 -5.60 21.59 4.63
N LEU E 192 -4.40 22.01 4.25
CA LEU E 192 -4.05 22.06 2.84
C LEU E 192 -4.03 20.66 2.24
N SER E 193 -3.66 19.65 3.02
CA SER E 193 -3.59 18.31 2.47
C SER E 193 -4.98 17.70 2.32
N ASN E 194 -5.88 17.97 3.27
CA ASN E 194 -7.17 17.27 3.29
C ASN E 194 -8.31 18.06 2.68
N MET E 195 -8.34 19.37 2.83
CA MET E 195 -9.43 20.20 2.37
C MET E 195 -9.09 21.04 1.16
N VAL E 196 -7.85 21.02 0.68
CA VAL E 196 -7.53 21.75 -0.54
C VAL E 196 -6.93 20.83 -1.57
N PHE E 197 -5.77 20.26 -1.30
CA PHE E 197 -5.01 19.60 -2.36
C PHE E 197 -5.57 18.23 -2.71
N PHE E 198 -5.80 17.38 -1.71
CA PHE E 198 -6.43 16.10 -1.98
C PHE E 198 -7.83 16.23 -2.58
N PRO E 199 -8.73 17.08 -2.08
CA PRO E 199 -10.03 17.22 -2.75
C PRO E 199 -9.92 17.86 -4.13
N ILE E 200 -8.91 18.69 -4.38
CA ILE E 200 -8.72 19.19 -5.74
C ILE E 200 -8.29 18.06 -6.65
N ALA E 201 -7.45 17.16 -6.16
CA ALA E 201 -7.12 15.97 -6.93
C ALA E 201 -8.36 15.12 -7.20
N ASP E 202 -9.22 14.99 -6.19
CA ASP E 202 -10.44 14.21 -6.34
C ASP E 202 -11.40 14.85 -7.34
N LYS E 203 -11.58 16.17 -7.26
CA LYS E 203 -12.42 16.86 -8.23
C LYS E 203 -11.85 16.76 -9.63
N LEU E 204 -10.52 16.84 -9.76
CA LEU E 204 -9.89 16.68 -11.06
C LEU E 204 -10.12 15.29 -11.62
N SER E 205 -10.03 14.27 -10.77
CA SER E 205 -10.27 12.91 -11.25
C SER E 205 -11.73 12.72 -11.63
N LEU E 206 -12.65 13.29 -10.85
CA LEU E 206 -14.07 13.20 -11.19
C LEU E 206 -14.35 13.90 -12.51
N ARG E 207 -13.75 15.07 -12.73
CA ARG E 207 -13.91 15.76 -13.99
C ARG E 207 -13.25 15.00 -15.13
N ARG E 208 -12.16 14.29 -14.87
CA ARG E 208 -11.56 13.44 -15.90
C ARG E 208 -12.50 12.33 -16.31
N ASP E 209 -13.15 11.68 -15.34
CA ASP E 209 -14.14 10.66 -15.67
C ASP E 209 -15.32 11.27 -16.43
N GLN E 210 -15.77 12.45 -15.99
CA GLN E 210 -16.88 13.11 -16.67
C GLN E 210 -16.54 13.43 -18.12
N GLU E 211 -15.34 13.96 -18.36
CA GLU E 211 -14.96 14.33 -19.72
C GLU E 211 -14.66 13.10 -20.57
N THR E 212 -14.15 12.02 -19.97
CA THR E 212 -14.00 10.78 -20.71
C THR E 212 -15.37 10.24 -21.13
N LEU E 213 -16.36 10.28 -20.24
CA LEU E 213 -17.71 9.88 -20.62
C LEU E 213 -18.27 10.79 -21.70
N ASN E 214 -18.05 12.10 -21.55
CA ASN E 214 -18.51 13.06 -22.55
C ASN E 214 -17.95 12.71 -23.92
N ARG E 215 -16.64 12.49 -24.01
CA ARG E 215 -16.02 12.29 -25.31
C ARG E 215 -16.23 10.88 -25.84
N ARG E 216 -16.45 9.89 -24.97
CA ARG E 216 -16.87 8.58 -25.46
C ARG E 216 -18.26 8.63 -26.04
N LEU E 217 -19.16 9.40 -25.41
CA LEU E 217 -20.46 9.66 -26.00
C LEU E 217 -20.33 10.37 -27.34
N ILE E 218 -19.40 11.32 -27.43
CA ILE E 218 -19.17 12.02 -28.69
C ILE E 218 -18.69 11.05 -29.77
N MET E 219 -17.77 10.15 -29.41
CA MET E 219 -17.31 9.14 -30.35
C MET E 219 -18.45 8.24 -30.82
N ASP E 220 -19.25 7.74 -29.88
CA ASP E 220 -20.36 6.89 -30.27
C ASP E 220 -21.34 7.63 -31.17
N GLY E 221 -21.62 8.90 -30.86
CA GLY E 221 -22.55 9.66 -31.66
C GLY E 221 -22.04 9.93 -33.07
N VAL E 222 -20.78 10.32 -33.20
CA VAL E 222 -20.22 10.58 -34.52
C VAL E 222 -20.17 9.29 -35.34
N LEU E 223 -19.78 8.18 -34.72
CA LEU E 223 -19.77 6.91 -35.43
C LEU E 223 -21.17 6.49 -35.86
N ALA E 224 -22.16 6.69 -34.99
CA ALA E 224 -23.53 6.36 -35.35
C ALA E 224 -24.04 7.24 -36.49
N ILE E 225 -23.64 8.51 -36.50
CA ILE E 225 -24.01 9.38 -37.61
C ILE E 225 -23.36 8.89 -38.91
N GLN E 226 -22.08 8.52 -38.85
CA GLN E 226 -21.40 8.06 -40.05
C GLN E 226 -22.02 6.78 -40.59
N ASP E 227 -22.38 5.86 -39.69
CA ASP E 227 -23.18 4.70 -40.10
C ASP E 227 -24.57 5.12 -40.55
N GLY E 228 -25.13 6.14 -39.91
CA GLY E 228 -26.46 6.59 -40.25
C GLY E 228 -27.56 5.71 -39.70
N GLN E 229 -27.36 5.14 -38.52
CA GLN E 229 -28.31 4.20 -37.94
C GLN E 229 -29.58 4.94 -37.50
N ASN E 230 -30.52 4.15 -37.00
CA ASN E 230 -31.80 4.69 -36.57
C ASN E 230 -31.59 5.63 -35.38
N PRO E 231 -32.16 6.83 -35.40
CA PRO E 231 -32.00 7.74 -34.27
C PRO E 231 -32.52 7.17 -32.95
N ARG E 232 -33.59 6.39 -32.98
CA ARG E 232 -34.13 5.79 -31.76
C ARG E 232 -33.16 4.78 -31.16
N VAL E 233 -32.61 3.90 -31.99
CA VAL E 233 -31.72 2.86 -31.50
C VAL E 233 -30.47 3.47 -30.87
N ILE E 234 -29.86 4.44 -31.57
CA ILE E 234 -28.68 5.08 -31.01
C ILE E 234 -29.05 5.92 -29.79
N ASP E 235 -30.25 6.50 -29.76
CA ASP E 235 -30.70 7.25 -28.59
C ASP E 235 -30.72 6.34 -27.37
N SER E 236 -31.35 5.16 -27.51
CA SER E 236 -31.41 4.22 -26.39
C SER E 236 -30.02 3.70 -26.03
N TYR E 237 -29.18 3.45 -27.03
CA TYR E 237 -27.86 2.88 -26.77
C TYR E 237 -26.95 3.89 -26.09
N LEU E 238 -27.12 5.17 -26.41
CA LEU E 238 -26.37 6.22 -25.70
C LEU E 238 -26.91 6.45 -24.31
N LYS E 239 -28.24 6.38 -24.14
CA LYS E 239 -28.81 6.44 -22.80
C LYS E 239 -28.33 5.28 -21.96
N ASN E 240 -27.95 4.18 -22.59
CA ASN E 240 -27.34 3.06 -21.89
C ASN E 240 -26.08 3.50 -21.13
N TYR E 241 -25.28 4.38 -21.73
CA TYR E 241 -24.09 4.88 -21.05
C TYR E 241 -24.42 5.75 -19.83
N LEU E 242 -25.66 6.19 -19.68
CA LEU E 242 -26.01 7.05 -18.55
C LEU E 242 -25.98 6.31 -17.22
N ASN E 243 -25.83 4.99 -17.22
CA ASN E 243 -25.79 4.18 -16.01
C ASN E 243 -24.38 3.70 -15.74
N GLU E 244 -23.40 4.57 -15.95
CA GLU E 244 -21.99 4.24 -15.83
C GLU E 244 -21.39 5.01 -14.66
N GLY E 245 -20.48 4.35 -13.94
CA GLY E 245 -19.70 4.99 -12.90
C GLY E 245 -20.48 5.48 -11.71
N LYS E 246 -20.39 6.78 -11.45
CA LYS E 246 -20.89 7.37 -10.22
C LYS E 246 -22.33 7.86 -10.31
N ARG E 247 -22.97 7.77 -11.47
CA ARG E 247 -24.28 8.40 -11.63
C ARG E 247 -25.43 7.46 -11.33
N ALA E 248 -25.17 6.30 -10.72
CA ALA E 248 -26.24 5.42 -10.28
C ALA E 248 -26.96 6.03 -9.08
N LEU E 249 -27.94 6.89 -9.35
CA LEU E 249 -28.68 7.59 -8.31
C LEU E 249 -30.17 7.26 -8.32
N GLU E 250 -30.58 6.19 -8.99
CA GLU E 250 -31.98 5.81 -9.05
C GLU E 250 -32.40 4.94 -7.87
N ASP F 31 -19.07 17.61 22.96
CA ASP F 31 -19.62 16.32 22.55
C ASP F 31 -20.40 16.42 21.24
N VAL F 32 -21.49 17.17 21.27
CA VAL F 32 -22.35 17.28 20.09
C VAL F 32 -21.65 18.07 18.99
N THR F 33 -21.00 19.18 19.36
CA THR F 33 -20.30 19.98 18.38
C THR F 33 -19.14 19.21 17.75
N SER F 34 -18.58 18.24 18.49
CA SER F 34 -17.47 17.45 17.96
C SER F 34 -17.93 16.52 16.85
N ILE F 35 -19.01 15.77 17.08
CA ILE F 35 -19.52 14.92 16.02
C ILE F 35 -20.02 15.79 14.88
N LEU F 36 -20.57 16.97 15.20
CA LEU F 36 -21.01 17.88 14.15
C LEU F 36 -19.84 18.29 13.28
N ILE F 37 -18.70 18.64 13.88
CA ILE F 37 -17.54 19.07 13.09
C ILE F 37 -17.02 17.92 12.24
N VAL F 38 -16.89 16.73 12.83
CA VAL F 38 -16.36 15.60 12.06
C VAL F 38 -17.26 15.29 10.87
N VAL F 39 -18.57 15.17 11.11
CA VAL F 39 -19.46 14.79 10.02
C VAL F 39 -19.63 15.92 9.02
N GLY F 40 -19.60 17.17 9.48
CA GLY F 40 -19.70 18.29 8.56
C GLY F 40 -18.48 18.40 7.65
N GLY F 41 -17.28 18.30 8.23
CA GLY F 41 -16.09 18.28 7.41
C GLY F 41 -16.04 17.10 6.46
N SER F 42 -16.42 15.92 6.95
CA SER F 42 -16.45 14.74 6.10
C SER F 42 -17.40 14.94 4.93
N ILE F 43 -18.61 15.43 5.22
CA ILE F 43 -19.59 15.66 4.15
C ILE F 43 -19.08 16.71 3.18
N PHE F 44 -18.51 17.80 3.71
CA PHE F 44 -18.06 18.90 2.87
C PHE F 44 -16.99 18.40 1.90
N VAL F 45 -15.99 17.68 2.41
CA VAL F 45 -14.91 17.20 1.56
C VAL F 45 -15.40 16.12 0.61
N VAL F 46 -16.34 15.28 1.07
CA VAL F 46 -16.83 14.20 0.23
C VAL F 46 -17.74 14.71 -0.89
N LEU F 47 -18.43 15.82 -0.68
CA LEU F 47 -19.33 16.33 -1.70
C LEU F 47 -18.58 16.81 -2.94
N MET F 48 -17.26 17.00 -2.85
CA MET F 48 -16.49 17.28 -4.05
C MET F 48 -16.22 16.02 -4.87
N LYS F 49 -16.61 14.85 -4.38
CA LYS F 49 -16.53 13.61 -5.12
C LYS F 49 -17.90 13.04 -5.47
N PHE F 50 -18.86 13.17 -4.57
CA PHE F 50 -20.21 12.66 -4.77
C PHE F 50 -21.20 13.79 -4.59
N THR F 51 -22.09 13.95 -5.57
CA THR F 51 -23.11 14.99 -5.48
C THR F 51 -24.14 14.63 -4.40
N MET F 52 -24.97 15.62 -4.06
CA MET F 52 -25.99 15.37 -3.04
C MET F 52 -26.96 14.29 -3.48
N GLY F 53 -27.23 14.20 -4.78
CA GLY F 53 -28.05 13.12 -5.28
C GLY F 53 -27.42 11.76 -5.05
N GLN F 54 -26.13 11.64 -5.41
CA GLN F 54 -25.43 10.37 -5.20
C GLN F 54 -25.22 10.08 -3.73
N PHE F 55 -24.96 11.11 -2.92
CA PHE F 55 -24.81 10.88 -1.49
C PHE F 55 -26.11 10.37 -0.88
N PHE F 56 -27.24 10.97 -1.24
CA PHE F 56 -28.51 10.49 -0.70
C PHE F 56 -28.86 9.11 -1.24
N GLY F 57 -28.50 8.82 -2.49
CA GLY F 57 -28.68 7.47 -2.99
C GLY F 57 -27.89 6.44 -2.20
N ALA F 58 -26.65 6.80 -1.85
CA ALA F 58 -25.83 5.89 -1.05
C ALA F 58 -26.44 5.68 0.33
N THR F 59 -26.92 6.75 0.96
CA THR F 59 -27.55 6.58 2.27
C THR F 59 -28.82 5.74 2.16
N LYS F 60 -29.57 5.90 1.07
CA LYS F 60 -30.78 5.11 0.88
C LYS F 60 -30.44 3.63 0.71
N ILE F 61 -29.40 3.33 -0.05
CA ILE F 61 -28.97 1.94 -0.21
C ILE F 61 -28.53 1.35 1.12
N ALA F 62 -27.74 2.12 1.89
CA ALA F 62 -27.30 1.61 3.19
C ALA F 62 -28.49 1.36 4.11
N GLY F 63 -29.44 2.28 4.15
CA GLY F 63 -30.62 2.07 4.99
C GLY F 63 -31.41 0.84 4.56
N LYS F 64 -31.62 0.69 3.25
CA LYS F 64 -32.39 -0.45 2.77
C LYS F 64 -31.68 -1.76 3.07
N ALA F 65 -30.35 -1.75 3.07
CA ALA F 65 -29.61 -2.95 3.43
C ALA F 65 -29.58 -3.19 4.92
N PHE F 66 -29.84 -2.16 5.74
CA PHE F 66 -29.73 -2.34 7.18
C PHE F 66 -31.05 -2.64 7.88
N MET F 67 -32.16 -2.03 7.43
CA MET F 67 -33.44 -2.30 8.09
C MET F 67 -34.22 -3.44 7.43
N PHE F 68 -33.72 -3.98 6.32
CA PHE F 68 -34.37 -5.09 5.63
C PHE F 68 -33.46 -6.30 5.66
N LYS F 69 -34.03 -7.48 5.43
CA LYS F 69 -33.28 -8.72 5.42
C LYS F 69 -33.20 -9.29 4.01
N ALA F 70 -32.00 -9.75 3.63
CA ALA F 70 -31.84 -10.41 2.35
C ALA F 70 -32.54 -11.76 2.35
N ASP F 71 -33.06 -12.15 1.19
CA ASP F 71 -33.80 -13.40 1.08
C ASP F 71 -32.85 -14.58 0.91
N GLU F 72 -33.09 -15.63 1.70
CA GLU F 72 -32.20 -16.77 1.71
C GLU F 72 -32.26 -17.53 0.40
N PRO F 73 -31.13 -17.95 -0.16
CA PRO F 73 -31.16 -18.65 -1.45
C PRO F 73 -31.88 -19.98 -1.41
N GLU F 74 -32.08 -20.58 -0.24
CA GLU F 74 -32.83 -21.83 -0.18
C GLU F 74 -34.28 -21.63 -0.62
N ASP F 75 -34.91 -20.56 -0.16
CA ASP F 75 -36.28 -20.26 -0.60
C ASP F 75 -36.32 -19.96 -2.09
N LEU F 76 -35.30 -19.28 -2.60
CA LEU F 76 -35.24 -19.02 -4.04
C LEU F 76 -35.12 -20.31 -4.83
N ILE F 77 -34.30 -21.25 -4.35
CA ILE F 77 -34.15 -22.54 -5.02
C ILE F 77 -35.47 -23.31 -4.97
N ALA F 78 -36.15 -23.27 -3.82
CA ALA F 78 -37.44 -23.92 -3.71
C ALA F 78 -38.44 -23.33 -4.70
N LYS F 79 -38.48 -22.00 -4.83
CA LYS F 79 -39.42 -21.37 -5.75
C LYS F 79 -39.06 -21.68 -7.20
N ILE F 80 -37.76 -21.73 -7.51
CA ILE F 80 -37.35 -22.05 -8.88
C ILE F 80 -37.75 -23.47 -9.23
N VAL F 81 -37.50 -24.42 -8.34
CA VAL F 81 -37.88 -25.80 -8.63
C VAL F 81 -39.40 -25.95 -8.67
N GLU F 82 -40.13 -25.18 -7.86
CA GLU F 82 -41.58 -25.22 -7.90
C GLU F 82 -42.10 -24.71 -9.24
N MET F 83 -41.55 -23.61 -9.74
CA MET F 83 -41.97 -23.09 -11.03
C MET F 83 -41.55 -24.03 -12.17
N ALA F 84 -40.42 -24.72 -12.00
CA ALA F 84 -39.96 -25.63 -13.05
C ALA F 84 -40.83 -26.89 -13.11
N ASP F 85 -41.22 -27.42 -11.95
CA ASP F 85 -42.14 -28.56 -11.94
C ASP F 85 -43.52 -28.16 -12.41
N ALA F 86 -43.97 -26.95 -12.05
CA ALA F 86 -45.27 -26.47 -12.50
C ALA F 86 -45.32 -26.36 -14.02
N ALA F 87 -44.24 -25.87 -14.64
CA ALA F 87 -44.18 -25.74 -16.08
C ALA F 87 -42.91 -26.40 -16.63
N ILE F 100 -45.16 -14.36 -7.18
CA ILE F 100 -44.03 -14.41 -6.25
C ILE F 100 -43.74 -13.02 -5.70
N ASN F 101 -43.49 -12.94 -4.39
CA ASN F 101 -43.16 -11.68 -3.75
C ASN F 101 -41.87 -11.07 -4.30
N ASN F 102 -40.84 -11.88 -4.53
CA ASN F 102 -39.55 -11.38 -4.97
C ASN F 102 -39.68 -10.55 -6.24
N THR F 103 -39.14 -9.32 -6.20
CA THR F 103 -39.36 -8.36 -7.28
C THR F 103 -38.60 -8.77 -8.54
N PHE F 104 -37.34 -9.20 -8.38
CA PHE F 104 -36.62 -9.75 -9.51
C PHE F 104 -37.31 -10.99 -10.05
N MET F 105 -37.82 -11.85 -9.15
CA MET F 105 -38.52 -13.05 -9.61
C MET F 105 -39.76 -12.67 -10.42
N GLN F 106 -40.57 -11.74 -9.91
CA GLN F 106 -41.77 -11.33 -10.64
C GLN F 106 -41.40 -10.71 -11.98
N LYS F 107 -40.39 -9.85 -12.00
CA LYS F 107 -40.00 -9.20 -13.25
C LYS F 107 -39.51 -10.20 -14.28
N GLY F 108 -38.66 -11.14 -13.86
CA GLY F 108 -38.18 -12.14 -14.80
C GLY F 108 -39.27 -13.07 -15.31
N ILE F 109 -40.15 -13.51 -14.40
CA ILE F 109 -41.24 -14.40 -14.81
C ILE F 109 -42.17 -13.69 -15.78
N ASP F 110 -42.48 -12.42 -15.51
CA ASP F 110 -43.30 -11.64 -16.42
C ASP F 110 -42.62 -11.48 -17.78
N LEU F 111 -41.32 -11.19 -17.77
CA LEU F 111 -40.60 -11.01 -19.03
C LEU F 111 -40.58 -12.29 -19.86
N LEU F 112 -40.46 -13.44 -19.20
CA LEU F 112 -40.44 -14.71 -19.92
C LEU F 112 -41.83 -15.18 -20.34
N VAL F 113 -42.88 -14.80 -19.61
CA VAL F 113 -44.23 -15.13 -20.04
C VAL F 113 -44.76 -14.13 -21.07
N ASP F 114 -44.08 -12.99 -21.24
CA ASP F 114 -44.49 -12.05 -22.27
C ASP F 114 -44.12 -12.54 -23.67
N GLY F 115 -43.05 -13.32 -23.78
CA GLY F 115 -42.61 -13.83 -25.06
C GLY F 115 -41.38 -13.12 -25.56
N HIS F 116 -40.21 -13.73 -25.38
CA HIS F 116 -38.96 -13.08 -25.77
C HIS F 116 -37.88 -14.13 -25.91
N ASP F 117 -36.94 -13.86 -26.82
CA ASP F 117 -35.83 -14.76 -27.08
C ASP F 117 -34.98 -14.96 -25.83
N ALA F 118 -34.23 -16.06 -25.82
CA ALA F 118 -33.37 -16.35 -24.67
C ALA F 118 -32.32 -15.28 -24.46
N ASP F 119 -31.69 -14.82 -25.55
CA ASP F 119 -30.66 -13.80 -25.44
C ASP F 119 -31.22 -12.47 -24.96
N VAL F 120 -32.47 -12.16 -25.30
CA VAL F 120 -33.07 -10.90 -24.84
C VAL F 120 -33.25 -10.93 -23.32
N VAL F 121 -33.76 -12.04 -22.79
CA VAL F 121 -33.90 -12.16 -21.34
C VAL F 121 -32.54 -12.17 -20.67
N ARG F 122 -31.54 -12.80 -21.31
CA ARG F 122 -30.18 -12.75 -20.79
C ARG F 122 -29.69 -11.32 -20.70
N ALA F 123 -29.90 -10.52 -21.74
CA ALA F 123 -29.47 -9.13 -21.72
C ALA F 123 -30.16 -8.34 -20.63
N ALA F 124 -31.49 -8.49 -20.52
CA ALA F 124 -32.22 -7.73 -19.51
C ALA F 124 -31.77 -8.10 -18.09
N LEU F 125 -31.66 -9.41 -17.82
CA LEU F 125 -31.25 -9.85 -16.49
C LEU F 125 -29.83 -9.41 -16.17
N LYS F 126 -28.92 -9.54 -17.14
CA LYS F 126 -27.55 -9.11 -16.91
C LYS F 126 -27.47 -7.61 -16.64
N LYS F 127 -28.24 -6.81 -17.39
CA LYS F 127 -28.23 -5.37 -17.16
C LYS F 127 -28.74 -5.04 -15.76
N ASP F 128 -29.83 -5.68 -15.33
CA ASP F 128 -30.35 -5.41 -13.99
C ASP F 128 -29.35 -5.80 -12.91
N ILE F 129 -28.74 -6.98 -13.06
CA ILE F 129 -27.78 -7.46 -12.07
C ILE F 129 -26.60 -6.52 -12.00
N ALA F 130 -26.09 -6.10 -13.17
CA ALA F 130 -24.94 -5.20 -13.19
C ALA F 130 -25.28 -3.83 -12.63
N LEU F 131 -26.51 -3.35 -12.86
CA LEU F 131 -26.92 -2.08 -12.28
C LEU F 131 -26.91 -2.15 -10.75
N THR F 132 -27.49 -3.21 -10.19
CA THR F 132 -27.46 -3.35 -8.74
C THR F 132 -26.03 -3.48 -8.22
N ASP F 133 -25.18 -4.22 -8.94
CA ASP F 133 -23.78 -4.33 -8.56
C ASP F 133 -23.10 -2.98 -8.54
N GLU F 134 -23.35 -2.15 -9.56
CA GLU F 134 -22.73 -0.83 -9.63
C GLU F 134 -23.20 0.05 -8.50
N ARG F 135 -24.51 0.04 -8.21
CA ARG F 135 -25.02 0.85 -7.11
C ARG F 135 -24.38 0.43 -5.79
N HIS F 136 -24.26 -0.87 -5.56
CA HIS F 136 -23.68 -1.33 -4.31
C HIS F 136 -22.20 -0.99 -4.22
N THR F 137 -21.47 -1.11 -5.33
CA THR F 137 -20.05 -0.73 -5.33
C THR F 137 -19.88 0.76 -5.07
N GLN F 138 -20.75 1.60 -5.65
CA GLN F 138 -20.62 3.03 -5.44
C GLN F 138 -21.00 3.43 -4.01
N GLY F 139 -21.98 2.76 -3.41
CA GLY F 139 -22.29 3.02 -2.02
C GLY F 139 -21.16 2.60 -1.09
N THR F 140 -20.56 1.43 -1.37
CA THR F 140 -19.36 1.05 -0.66
C THR F 140 -18.27 2.11 -0.82
N GLY F 141 -18.15 2.68 -2.02
CA GLY F 141 -17.19 3.75 -2.22
C GLY F 141 -17.49 4.99 -1.41
N VAL F 142 -18.77 5.37 -1.30
CA VAL F 142 -19.12 6.57 -0.55
C VAL F 142 -18.78 6.39 0.91
N PHE F 143 -19.12 5.23 1.48
CA PHE F 143 -18.85 5.04 2.89
C PHE F 143 -17.37 4.77 3.16
N ARG F 144 -16.66 4.21 2.18
CA ARG F 144 -15.22 4.10 2.29
C ARG F 144 -14.56 5.48 2.29
N ALA F 145 -15.04 6.39 1.44
CA ALA F 145 -14.49 7.73 1.41
C ALA F 145 -14.78 8.48 2.70
N PHE F 146 -15.98 8.30 3.26
CA PHE F 146 -16.26 8.87 4.57
C PHE F 146 -15.32 8.30 5.63
N GLY F 147 -15.04 7.00 5.58
CA GLY F 147 -14.10 6.42 6.51
C GLY F 147 -12.69 6.97 6.35
N ASP F 148 -12.25 7.18 5.12
CA ASP F 148 -10.92 7.73 4.88
C ASP F 148 -10.81 9.17 5.37
N VAL F 149 -11.86 9.97 5.17
CA VAL F 149 -11.79 11.39 5.49
C VAL F 149 -12.09 11.68 6.96
N ALA F 150 -12.83 10.81 7.65
CA ALA F 150 -13.25 11.11 9.01
C ALA F 150 -12.09 11.35 9.99
N PRO F 151 -11.06 10.51 10.05
CA PRO F 151 -10.00 10.77 11.06
C PRO F 151 -9.22 12.04 10.79
N ALA F 152 -8.97 12.34 9.51
CA ALA F 152 -8.26 13.57 9.18
C ALA F 152 -9.05 14.80 9.64
N MET F 153 -10.37 14.77 9.48
CA MET F 153 -11.19 15.88 9.96
C MET F 153 -11.29 15.90 11.47
N GLY F 154 -11.27 14.73 12.11
CA GLY F 154 -11.18 14.73 13.56
C GLY F 154 -9.91 15.42 14.03
N MET F 155 -8.79 15.14 13.38
CA MET F 155 -7.54 15.78 13.77
C MET F 155 -7.55 17.26 13.45
N ILE F 156 -8.15 17.65 12.31
CA ILE F 156 -8.26 19.07 12.00
C ILE F 156 -9.08 19.78 13.07
N GLY F 157 -10.19 19.16 13.50
CA GLY F 157 -10.97 19.74 14.58
C GLY F 157 -10.19 19.82 15.87
N THR F 158 -9.36 18.82 16.14
CA THR F 158 -8.55 18.84 17.35
C THR F 158 -7.53 19.95 17.31
N LEU F 159 -6.87 20.14 16.17
CA LEU F 159 -5.88 21.21 16.05
C LEU F 159 -6.53 22.57 16.16
N VAL F 160 -7.71 22.75 15.56
CA VAL F 160 -8.44 24.00 15.72
C VAL F 160 -8.83 24.23 17.18
N GLY F 161 -9.23 23.16 17.87
CA GLY F 161 -9.56 23.29 19.28
C GLY F 161 -8.35 23.66 20.13
N LEU F 162 -7.20 23.07 19.82
CA LEU F 162 -5.99 23.40 20.56
C LEU F 162 -5.56 24.84 20.31
N VAL F 163 -5.71 25.32 19.08
CA VAL F 163 -5.46 26.73 18.80
C VAL F 163 -6.38 27.59 19.67
N ALA F 164 -7.67 27.26 19.69
CA ALA F 164 -8.61 28.06 20.44
C ALA F 164 -8.37 27.95 21.95
N MET F 165 -7.68 26.90 22.39
CA MET F 165 -7.44 26.76 23.82
C MET F 165 -6.16 27.48 24.24
N LEU F 166 -5.07 27.26 23.52
CA LEU F 166 -3.84 27.96 23.84
C LEU F 166 -3.99 29.46 23.66
N SER F 167 -4.89 29.90 22.78
CA SER F 167 -5.12 31.33 22.64
C SER F 167 -5.97 31.91 23.76
N ASN F 168 -6.56 31.09 24.63
CA ASN F 168 -7.35 31.59 25.76
C ASN F 168 -7.02 30.80 27.02
N MET F 169 -5.73 30.63 27.28
CA MET F 169 -5.29 29.95 28.49
C MET F 169 -5.49 30.85 29.70
N ASP F 170 -6.34 30.42 30.63
CA ASP F 170 -6.60 31.24 31.81
C ASP F 170 -6.42 30.48 33.13
N ASP F 171 -6.77 29.20 33.18
CA ASP F 171 -6.77 28.43 34.41
C ASP F 171 -6.03 27.13 34.19
N PRO F 172 -5.01 26.80 34.99
CA PRO F 172 -4.31 25.53 34.78
C PRO F 172 -5.17 24.31 35.08
N LYS F 173 -5.92 24.31 36.19
CA LYS F 173 -6.74 23.15 36.52
C LYS F 173 -7.78 22.84 35.45
N ALA F 174 -8.14 23.82 34.62
CA ALA F 174 -9.09 23.60 33.53
C ALA F 174 -8.41 23.41 32.18
N ILE F 175 -7.08 23.40 32.14
CA ILE F 175 -6.40 23.12 30.87
C ILE F 175 -6.72 21.71 30.40
N GLY F 176 -6.67 20.75 31.31
CA GLY F 176 -6.87 19.36 30.98
C GLY F 176 -8.14 19.07 30.22
N PRO F 177 -9.31 19.28 30.86
CA PRO F 177 -10.57 18.97 30.17
C PRO F 177 -10.77 19.74 28.88
N ALA F 178 -10.31 20.99 28.80
CA ALA F 178 -10.35 21.70 27.53
C ALA F 178 -9.65 20.92 26.43
N MET F 179 -8.40 20.50 26.70
CA MET F 179 -7.73 19.58 25.80
C MET F 179 -8.59 18.35 25.54
N ALA F 180 -9.16 17.79 26.61
CA ALA F 180 -10.01 16.62 26.45
C ALA F 180 -11.12 16.86 25.46
N VAL F 181 -11.71 18.06 25.45
CA VAL F 181 -12.75 18.35 24.48
C VAL F 181 -12.17 18.36 23.07
N ALA F 182 -11.05 19.07 22.90
CA ALA F 182 -10.42 19.12 21.58
C ALA F 182 -10.03 17.74 21.10
N LEU F 183 -9.28 17.01 21.94
CA LEU F 183 -8.93 15.63 21.62
C LEU F 183 -10.16 14.79 21.38
N LEU F 184 -11.29 15.16 22.00
CA LEU F 184 -12.51 14.38 21.83
C LEU F 184 -12.85 14.23 20.35
N THR F 185 -12.69 15.31 19.58
CA THR F 185 -13.02 15.24 18.16
C THR F 185 -12.29 14.08 17.51
N THR F 186 -11.00 13.94 17.81
CA THR F 186 -10.22 12.88 17.19
C THR F 186 -10.83 11.53 17.46
N LEU F 187 -11.25 11.30 18.71
CA LEU F 187 -11.84 10.02 19.07
C LEU F 187 -13.01 9.69 18.15
N TYR F 188 -13.90 10.67 17.94
CA TYR F 188 -15.07 10.41 17.11
C TYR F 188 -14.65 10.02 15.70
N GLY F 189 -13.65 10.70 15.16
CA GLY F 189 -13.13 10.31 13.86
C GLY F 189 -12.80 8.85 13.84
N ALA F 190 -12.02 8.40 14.83
CA ALA F 190 -11.66 6.98 14.91
C ALA F 190 -12.91 6.12 14.95
N ILE F 191 -13.85 6.44 15.84
CA ILE F 191 -15.07 5.64 15.92
C ILE F 191 -15.83 5.70 14.60
N LEU F 192 -15.92 6.89 14.01
CA LEU F 192 -16.66 6.96 12.76
C LEU F 192 -15.88 6.35 11.62
N SER F 193 -14.57 6.18 11.80
CA SER F 193 -13.81 5.57 10.73
C SER F 193 -13.91 4.05 10.81
N ASN F 194 -13.82 3.49 12.01
CA ASN F 194 -13.74 2.05 12.19
C ASN F 194 -15.06 1.40 12.61
N MET F 195 -15.95 2.16 13.22
CA MET F 195 -17.16 1.60 13.82
C MET F 195 -18.45 2.09 13.19
N VAL F 196 -18.39 3.03 12.25
CA VAL F 196 -19.60 3.37 11.51
C VAL F 196 -19.38 3.25 10.00
N PHE F 197 -18.51 4.08 9.43
CA PHE F 197 -18.46 4.17 7.98
C PHE F 197 -17.82 2.94 7.36
N PHE F 198 -16.70 2.48 7.89
CA PHE F 198 -16.11 1.25 7.40
C PHE F 198 -17.00 0.02 7.62
N PRO F 199 -17.66 -0.16 8.76
CA PRO F 199 -18.62 -1.26 8.86
C PRO F 199 -19.76 -1.20 7.84
N ILE F 200 -20.30 -0.02 7.52
CA ILE F 200 -21.33 0.04 6.48
C ILE F 200 -20.74 -0.26 5.11
N ALA F 201 -19.50 0.14 4.87
CA ALA F 201 -18.87 -0.26 3.62
C ALA F 201 -18.77 -1.78 3.52
N ASP F 202 -18.36 -2.44 4.62
CA ASP F 202 -18.30 -3.89 4.63
C ASP F 202 -19.67 -4.52 4.46
N LYS F 203 -20.67 -3.98 5.15
CA LYS F 203 -22.02 -4.52 5.05
C LYS F 203 -22.58 -4.38 3.65
N LEU F 204 -22.28 -3.26 2.98
CA LEU F 204 -22.75 -3.09 1.61
C LEU F 204 -22.00 -4.03 0.66
N SER F 205 -20.71 -4.26 0.88
CA SER F 205 -20.02 -5.27 0.08
C SER F 205 -20.66 -6.64 0.27
N LEU F 206 -20.94 -7.01 1.53
CA LEU F 206 -21.55 -8.30 1.81
C LEU F 206 -22.94 -8.42 1.19
N ARG F 207 -23.77 -7.40 1.38
CA ARG F 207 -25.09 -7.36 0.77
C ARG F 207 -24.99 -7.43 -0.75
N ARG F 208 -23.94 -6.84 -1.33
CA ARG F 208 -23.74 -6.91 -2.76
C ARG F 208 -23.47 -8.34 -3.21
N ASP F 209 -22.60 -9.05 -2.49
CA ASP F 209 -22.37 -10.46 -2.84
C ASP F 209 -23.65 -11.27 -2.68
N GLN F 210 -24.43 -10.99 -1.63
CA GLN F 210 -25.66 -11.74 -1.41
C GLN F 210 -26.65 -11.52 -2.56
N GLU F 211 -26.83 -10.27 -2.98
CA GLU F 211 -27.74 -10.02 -4.10
C GLU F 211 -27.19 -10.56 -5.42
N THR F 212 -25.88 -10.49 -5.63
CA THR F 212 -25.32 -11.07 -6.84
C THR F 212 -25.54 -12.58 -6.89
N LEU F 213 -25.36 -13.26 -5.77
CA LEU F 213 -25.60 -14.70 -5.74
C LEU F 213 -27.08 -15.02 -5.94
N ASN F 214 -27.95 -14.30 -5.24
CA ASN F 214 -29.38 -14.54 -5.42
C ASN F 214 -29.81 -14.29 -6.85
N ARG F 215 -29.32 -13.21 -7.45
CA ARG F 215 -29.73 -12.87 -8.81
C ARG F 215 -29.12 -13.82 -9.83
N ARG F 216 -27.91 -14.34 -9.58
CA ARG F 216 -27.35 -15.34 -10.45
C ARG F 216 -28.16 -16.63 -10.40
N LEU F 217 -28.58 -17.02 -9.20
CA LEU F 217 -29.48 -18.17 -9.08
C LEU F 217 -30.77 -17.90 -9.83
N ILE F 218 -31.31 -16.68 -9.72
CA ILE F 218 -32.54 -16.34 -10.40
C ILE F 218 -32.37 -16.44 -11.91
N MET F 219 -31.27 -15.90 -12.43
CA MET F 219 -31.04 -15.93 -13.88
C MET F 219 -30.91 -17.37 -14.37
N ASP F 220 -30.14 -18.19 -13.65
CA ASP F 220 -30.00 -19.59 -14.06
C ASP F 220 -31.33 -20.33 -14.00
N GLY F 221 -32.12 -20.08 -12.94
CA GLY F 221 -33.41 -20.73 -12.84
C GLY F 221 -34.37 -20.30 -13.94
N VAL F 222 -34.35 -19.02 -14.30
CA VAL F 222 -35.24 -18.53 -15.36
C VAL F 222 -34.82 -19.12 -16.70
N LEU F 223 -33.51 -19.23 -16.94
CA LEU F 223 -33.05 -19.86 -18.17
C LEU F 223 -33.47 -21.32 -18.22
N ALA F 224 -33.36 -22.03 -17.08
CA ALA F 224 -33.80 -23.42 -17.04
C ALA F 224 -35.30 -23.55 -17.26
N ILE F 225 -36.07 -22.59 -16.73
CA ILE F 225 -37.51 -22.58 -16.96
C ILE F 225 -37.81 -22.42 -18.44
N GLN F 226 -37.13 -21.47 -19.10
CA GLN F 226 -37.39 -21.24 -20.52
C GLN F 226 -37.01 -22.45 -21.36
N ASP F 227 -35.84 -23.04 -21.11
CA ASP F 227 -35.37 -24.12 -21.95
C ASP F 227 -36.01 -25.46 -21.61
N GLY F 228 -36.83 -25.53 -20.57
CA GLY F 228 -37.50 -26.78 -20.23
C GLY F 228 -36.54 -27.87 -19.82
N GLN F 229 -35.51 -27.52 -19.06
CA GLN F 229 -34.51 -28.48 -18.64
C GLN F 229 -35.09 -29.42 -17.59
N ASN F 230 -34.40 -30.52 -17.36
CA ASN F 230 -34.79 -31.45 -16.30
C ASN F 230 -34.55 -30.79 -14.94
N PRO F 231 -35.49 -30.87 -14.00
CA PRO F 231 -35.30 -30.20 -12.71
C PRO F 231 -34.09 -30.69 -11.94
N ARG F 232 -33.69 -31.96 -12.13
CA ARG F 232 -32.59 -32.50 -11.34
C ARG F 232 -31.27 -31.81 -11.65
N VAL F 233 -30.98 -31.55 -12.92
CA VAL F 233 -29.71 -30.91 -13.26
C VAL F 233 -29.67 -29.47 -12.75
N ILE F 234 -30.81 -28.77 -12.81
CA ILE F 234 -30.84 -27.39 -12.33
C ILE F 234 -30.71 -27.37 -10.81
N ASP F 235 -31.32 -28.33 -10.12
CA ASP F 235 -31.13 -28.42 -8.68
C ASP F 235 -29.68 -28.72 -8.33
N SER F 236 -29.03 -29.58 -9.12
CA SER F 236 -27.61 -29.85 -8.90
C SER F 236 -26.79 -28.58 -9.06
N TYR F 237 -27.05 -27.80 -10.11
CA TYR F 237 -26.32 -26.54 -10.28
C TYR F 237 -26.58 -25.58 -9.14
N LEU F 238 -27.83 -25.48 -8.67
CA LEU F 238 -28.13 -24.56 -7.58
C LEU F 238 -27.46 -25.01 -6.27
N LYS F 239 -27.43 -26.32 -6.03
CA LYS F 239 -26.76 -26.83 -4.83
C LYS F 239 -25.25 -26.61 -4.92
N ASN F 240 -24.69 -26.72 -6.12
CA ASN F 240 -23.27 -26.42 -6.29
C ASN F 240 -22.99 -24.94 -6.04
N TYR F 241 -23.88 -24.07 -6.51
CA TYR F 241 -23.64 -22.63 -6.38
C TYR F 241 -23.85 -22.16 -4.95
N LEU F 242 -24.73 -22.81 -4.19
CA LEU F 242 -24.95 -22.37 -2.80
C LEU F 242 -23.76 -22.65 -1.90
N ASN F 243 -22.78 -23.45 -2.32
CA ASN F 243 -21.66 -23.84 -1.49
C ASN F 243 -20.33 -23.29 -2.01
N GLU F 244 -20.30 -22.04 -2.46
CA GLU F 244 -19.06 -21.40 -2.87
C GLU F 244 -19.04 -19.98 -2.33
N GLY F 245 -17.83 -19.48 -2.10
CA GLY F 245 -17.66 -18.17 -1.52
C GLY F 245 -17.70 -18.21 -0.01
N LYS F 246 -18.10 -17.07 0.56
CA LYS F 246 -18.07 -16.88 2.01
C LYS F 246 -19.04 -17.82 2.72
N ARG F 247 -19.97 -18.44 1.98
CA ARG F 247 -20.87 -19.42 2.59
C ARG F 247 -20.15 -20.73 2.95
N ALA F 248 -19.00 -20.99 2.33
CA ALA F 248 -18.37 -22.31 2.44
C ALA F 248 -18.02 -22.68 3.88
N LEU F 249 -17.86 -21.69 4.75
CA LEU F 249 -17.47 -21.99 6.12
C LEU F 249 -18.60 -22.61 6.91
N GLU F 250 -19.84 -22.43 6.48
CA GLU F 250 -20.98 -22.89 7.26
C GLU F 250 -21.23 -24.38 7.11
N ILE F 251 -20.50 -25.06 6.24
CA ILE F 251 -20.69 -26.49 6.04
C ILE F 251 -19.41 -27.26 6.35
N GLY G 27 -10.87 -2.67 40.20
CA GLY G 27 -9.93 -3.77 40.03
C GLY G 27 -10.16 -4.57 38.76
N MET G 28 -11.17 -5.43 38.80
CA MET G 28 -11.54 -6.21 37.62
C MET G 28 -12.16 -5.35 36.52
N PHE G 29 -12.62 -4.14 36.88
CA PHE G 29 -13.30 -3.29 35.91
C PHE G 29 -12.36 -2.88 34.78
N VAL G 30 -11.11 -2.57 35.08
CA VAL G 30 -10.22 -2.07 34.03
C VAL G 30 -9.83 -3.19 33.07
N ASP G 31 -9.59 -4.39 33.60
CA ASP G 31 -9.29 -5.52 32.74
C ASP G 31 -10.48 -5.87 31.86
N VAL G 32 -11.69 -5.90 32.45
CA VAL G 32 -12.86 -6.24 31.65
C VAL G 32 -13.17 -5.12 30.66
N THR G 33 -12.88 -3.87 31.01
CA THR G 33 -13.13 -2.76 30.08
C THR G 33 -12.17 -2.79 28.90
N SER G 34 -10.89 -3.05 29.17
CA SER G 34 -9.93 -3.12 28.08
C SER G 34 -10.24 -4.29 27.15
N ILE G 35 -10.47 -5.48 27.73
CA ILE G 35 -10.81 -6.63 26.89
C ILE G 35 -12.12 -6.36 26.17
N LEU G 36 -13.05 -5.64 26.81
CA LEU G 36 -14.32 -5.35 26.17
C LEU G 36 -14.12 -4.44 24.97
N ILE G 37 -13.41 -3.32 25.14
CA ILE G 37 -13.22 -2.41 24.02
C ILE G 37 -12.55 -3.14 22.87
N VAL G 38 -11.43 -3.81 23.15
CA VAL G 38 -10.66 -4.44 22.07
C VAL G 38 -11.47 -5.55 21.42
N VAL G 39 -11.83 -6.58 22.19
CA VAL G 39 -12.44 -7.77 21.63
C VAL G 39 -13.86 -7.48 21.14
N GLY G 40 -14.62 -6.68 21.88
CA GLY G 40 -15.96 -6.32 21.43
C GLY G 40 -15.95 -5.49 20.16
N GLY G 41 -15.03 -4.53 20.05
CA GLY G 41 -14.94 -3.79 18.80
C GLY G 41 -14.57 -4.69 17.64
N SER G 42 -13.57 -5.55 17.83
CA SER G 42 -13.19 -6.47 16.77
C SER G 42 -14.36 -7.35 16.37
N ILE G 43 -15.08 -7.87 17.36
CA ILE G 43 -16.20 -8.77 17.09
C ILE G 43 -17.31 -8.03 16.38
N PHE G 44 -17.62 -6.80 16.79
CA PHE G 44 -18.67 -6.03 16.15
C PHE G 44 -18.33 -5.77 14.69
N VAL G 45 -17.11 -5.33 14.41
CA VAL G 45 -16.72 -5.05 13.03
C VAL G 45 -16.73 -6.33 12.20
N VAL G 46 -16.23 -7.43 12.75
CA VAL G 46 -16.16 -8.67 11.98
C VAL G 46 -17.56 -9.25 11.76
N LEU G 47 -18.45 -9.10 12.73
CA LEU G 47 -19.82 -9.55 12.54
C LEU G 47 -20.57 -8.67 11.55
N MET G 48 -20.15 -7.41 11.42
CA MET G 48 -20.64 -6.62 10.29
C MET G 48 -20.00 -7.07 8.99
N LYS G 49 -18.86 -7.75 9.06
CA LYS G 49 -18.20 -8.27 7.87
C LYS G 49 -18.61 -9.71 7.56
N PHE G 50 -18.60 -10.59 8.55
CA PHE G 50 -18.98 -11.99 8.39
C PHE G 50 -20.21 -12.30 9.21
N THR G 51 -20.76 -13.49 8.99
CA THR G 51 -21.91 -13.95 9.75
C THR G 51 -21.47 -14.83 10.91
N MET G 52 -22.35 -14.97 11.89
CA MET G 52 -22.00 -15.74 13.08
C MET G 52 -21.69 -17.19 12.73
N GLY G 53 -22.47 -17.79 11.83
CA GLY G 53 -22.21 -19.15 11.43
C GLY G 53 -20.87 -19.31 10.73
N GLN G 54 -20.50 -18.33 9.91
CA GLN G 54 -19.22 -18.38 9.22
C GLN G 54 -18.06 -18.16 10.18
N PHE G 55 -18.24 -17.28 11.17
CA PHE G 55 -17.23 -17.14 12.21
C PHE G 55 -17.04 -18.45 12.95
N PHE G 56 -18.13 -19.15 13.26
CA PHE G 56 -18.02 -20.44 13.92
C PHE G 56 -17.34 -21.48 13.02
N GLY G 57 -17.63 -21.46 11.73
CA GLY G 57 -16.95 -22.36 10.82
C GLY G 57 -15.45 -22.12 10.77
N ALA G 58 -15.04 -20.85 10.74
CA ALA G 58 -13.62 -20.52 10.76
C ALA G 58 -12.99 -20.95 12.07
N THR G 59 -13.70 -20.78 13.19
CA THR G 59 -13.19 -21.25 14.47
C THR G 59 -12.97 -22.77 14.45
N LYS G 60 -13.92 -23.51 13.90
CA LYS G 60 -13.77 -24.97 13.81
C LYS G 60 -12.58 -25.34 12.95
N ILE G 61 -12.39 -24.63 11.82
CA ILE G 61 -11.27 -24.93 10.95
C ILE G 61 -9.94 -24.67 11.65
N ALA G 62 -9.85 -23.54 12.36
CA ALA G 62 -8.62 -23.24 13.08
C ALA G 62 -8.34 -24.28 14.15
N GLY G 63 -9.37 -24.69 14.89
CA GLY G 63 -9.19 -25.73 15.89
C GLY G 63 -8.72 -27.04 15.29
N LYS G 64 -9.30 -27.44 14.17
CA LYS G 64 -8.88 -28.67 13.52
C LYS G 64 -7.45 -28.56 12.99
N ALA G 65 -7.05 -27.38 12.53
CA ALA G 65 -5.71 -27.22 12.00
C ALA G 65 -4.67 -27.14 13.11
N PHE G 66 -5.07 -26.79 14.33
CA PHE G 66 -4.11 -26.59 15.40
C PHE G 66 -4.01 -27.76 16.39
N MET G 67 -4.85 -28.78 16.23
CA MET G 67 -4.81 -29.91 17.15
C MET G 67 -4.70 -31.26 16.44
N PHE G 68 -4.75 -31.27 15.13
CA PHE G 68 -4.49 -32.48 14.34
C PHE G 68 -3.32 -32.20 13.42
N LYS G 69 -2.38 -33.13 13.34
CA LYS G 69 -1.27 -32.96 12.43
C LYS G 69 -1.65 -33.44 11.03
N ALA G 70 -1.36 -32.61 10.04
CA ALA G 70 -1.60 -32.98 8.66
C ALA G 70 -0.79 -34.22 8.30
N ASP G 71 -1.44 -35.18 7.63
CA ASP G 71 -0.77 -36.43 7.30
C ASP G 71 0.41 -36.17 6.37
N GLU G 72 1.53 -36.81 6.68
CA GLU G 72 2.74 -36.61 5.90
C GLU G 72 2.57 -37.16 4.48
N PRO G 73 3.03 -36.43 3.46
CA PRO G 73 2.85 -36.93 2.09
C PRO G 73 3.55 -38.25 1.81
N GLU G 74 4.71 -38.50 2.42
CA GLU G 74 5.40 -39.77 2.18
C GLU G 74 4.59 -40.96 2.66
N ASP G 75 3.96 -40.82 3.84
CA ASP G 75 3.04 -41.85 4.31
C ASP G 75 1.88 -42.01 3.33
N LEU G 76 1.42 -40.91 2.75
CA LEU G 76 0.34 -40.98 1.77
C LEU G 76 0.77 -41.79 0.56
N ILE G 77 2.00 -41.57 0.06
CA ILE G 77 2.50 -42.34 -1.07
C ILE G 77 2.64 -43.80 -0.69
N ALA G 78 3.06 -44.08 0.54
CA ALA G 78 3.17 -45.47 0.98
C ALA G 78 1.82 -46.16 0.96
N LYS G 79 0.78 -45.50 1.48
CA LYS G 79 -0.55 -46.10 1.43
C LYS G 79 -1.05 -46.22 0.00
N ILE G 80 -0.72 -45.26 -0.86
CA ILE G 80 -1.14 -45.32 -2.26
C ILE G 80 -0.55 -46.54 -2.94
N VAL G 81 0.76 -46.76 -2.74
CA VAL G 81 1.39 -47.90 -3.40
C VAL G 81 0.92 -49.22 -2.78
N GLU G 82 0.65 -49.21 -1.46
CA GLU G 82 0.10 -50.43 -0.85
C GLU G 82 -1.26 -50.77 -1.45
N MET G 83 -2.11 -49.77 -1.65
CA MET G 83 -3.41 -50.01 -2.27
C MET G 83 -3.25 -50.47 -3.72
N ALA G 84 -2.32 -49.86 -4.45
CA ALA G 84 -2.10 -50.26 -5.83
C ALA G 84 -1.64 -51.70 -5.94
N ASP G 85 -0.70 -52.11 -5.07
CA ASP G 85 -0.23 -53.48 -5.09
C ASP G 85 -1.31 -54.45 -4.64
N ALA G 86 -2.13 -54.05 -3.66
CA ALA G 86 -3.22 -54.90 -3.21
C ALA G 86 -4.22 -55.16 -4.34
N ALA G 87 -4.49 -54.13 -5.15
CA ALA G 87 -5.37 -54.27 -6.29
C ALA G 87 -4.61 -54.80 -7.50
N ILE G 100 -6.07 -46.89 5.65
CA ILE G 100 -7.18 -46.11 6.16
C ILE G 100 -6.67 -44.83 6.80
N ASN G 101 -7.41 -44.33 7.80
CA ASN G 101 -7.03 -43.16 8.59
C ASN G 101 -6.83 -41.93 7.70
N ASN G 102 -7.66 -41.79 6.67
CA ASN G 102 -7.67 -40.60 5.83
C ASN G 102 -9.01 -40.53 5.13
N THR G 103 -9.77 -39.47 5.39
CA THR G 103 -11.12 -39.37 4.87
C THR G 103 -11.13 -39.29 3.34
N PHE G 104 -10.19 -38.55 2.76
CA PHE G 104 -10.24 -38.27 1.33
C PHE G 104 -10.05 -39.53 0.50
N MET G 105 -9.02 -40.32 0.82
CA MET G 105 -8.79 -41.53 0.03
C MET G 105 -9.86 -42.58 0.31
N GLN G 106 -10.41 -42.60 1.53
CA GLN G 106 -11.54 -43.47 1.80
C GLN G 106 -12.74 -43.10 0.95
N LYS G 107 -12.99 -41.80 0.78
CA LYS G 107 -14.03 -41.36 -0.13
C LYS G 107 -13.70 -41.75 -1.57
N GLY G 108 -12.44 -41.66 -1.95
CA GLY G 108 -12.04 -42.06 -3.28
C GLY G 108 -12.28 -43.54 -3.54
N ILE G 109 -11.95 -44.39 -2.56
CA ILE G 109 -12.12 -45.82 -2.76
C ILE G 109 -13.59 -46.21 -2.63
N ASP G 110 -14.38 -45.44 -1.89
CA ASP G 110 -15.82 -45.70 -1.83
C ASP G 110 -16.50 -45.30 -3.13
N LEU G 111 -16.08 -44.19 -3.74
CA LEU G 111 -16.61 -43.82 -5.04
C LEU G 111 -15.98 -44.63 -6.15
N LEU G 112 -14.91 -45.36 -5.86
CA LEU G 112 -14.26 -46.20 -6.87
C LEU G 112 -14.99 -47.51 -7.07
N VAL G 113 -15.38 -48.17 -5.97
CA VAL G 113 -16.09 -49.43 -6.09
C VAL G 113 -17.44 -49.24 -6.78
N ASP G 114 -18.05 -48.07 -6.66
CA ASP G 114 -19.33 -47.78 -7.28
C ASP G 114 -19.20 -47.11 -8.64
N GLY G 115 -18.58 -45.93 -8.69
CA GLY G 115 -18.41 -45.23 -9.94
C GLY G 115 -17.26 -45.79 -10.75
N HIS G 116 -17.57 -46.49 -11.84
CA HIS G 116 -16.52 -47.10 -12.65
C HIS G 116 -15.83 -46.07 -13.52
N ASP G 117 -16.57 -45.08 -14.03
CA ASP G 117 -15.98 -44.03 -14.84
C ASP G 117 -15.06 -43.17 -14.00
N ALA G 118 -14.03 -42.62 -14.64
CA ALA G 118 -13.07 -41.77 -13.96
C ALA G 118 -13.47 -40.29 -13.94
N ASP G 119 -14.42 -39.88 -14.79
CA ASP G 119 -14.76 -38.47 -14.86
C ASP G 119 -15.63 -38.05 -13.67
N VAL G 120 -16.55 -38.91 -13.25
CA VAL G 120 -17.36 -38.61 -12.06
C VAL G 120 -16.46 -38.48 -10.85
N VAL G 121 -15.51 -39.41 -10.68
CA VAL G 121 -14.60 -39.37 -9.56
C VAL G 121 -13.72 -38.14 -9.63
N ARG G 122 -13.22 -37.80 -10.82
CA ARG G 122 -12.39 -36.61 -10.99
C ARG G 122 -13.15 -35.36 -10.61
N ALA G 123 -14.39 -35.24 -11.07
CA ALA G 123 -15.20 -34.07 -10.76
C ALA G 123 -15.45 -33.96 -9.26
N ALA G 124 -15.83 -35.07 -8.62
CA ALA G 124 -16.11 -35.02 -7.19
C ALA G 124 -14.86 -34.67 -6.40
N LEU G 125 -13.72 -35.28 -6.75
CA LEU G 125 -12.49 -35.04 -6.01
C LEU G 125 -12.01 -33.60 -6.18
N LYS G 126 -12.05 -33.07 -7.40
CA LYS G 126 -11.66 -31.68 -7.60
C LYS G 126 -12.60 -30.74 -6.87
N LYS G 127 -13.89 -31.05 -6.86
CA LYS G 127 -14.83 -30.21 -6.13
C LYS G 127 -14.51 -30.20 -4.65
N ASP G 128 -14.22 -31.37 -4.07
CA ASP G 128 -13.88 -31.43 -2.65
C ASP G 128 -12.59 -30.67 -2.34
N ILE G 129 -11.58 -30.80 -3.22
CA ILE G 129 -10.33 -30.09 -3.00
C ILE G 129 -10.56 -28.57 -3.05
N ALA G 130 -11.32 -28.12 -4.05
CA ALA G 130 -11.59 -26.70 -4.18
C ALA G 130 -12.40 -26.19 -3.01
N LEU G 131 -13.36 -27.00 -2.52
CA LEU G 131 -14.16 -26.59 -1.38
C LEU G 131 -13.30 -26.42 -0.14
N THR G 132 -12.43 -27.39 0.13
CA THR G 132 -11.57 -27.28 1.32
C THR G 132 -10.62 -26.10 1.21
N ASP G 133 -10.09 -25.87 0.01
CA ASP G 133 -9.28 -24.68 -0.22
C ASP G 133 -10.08 -23.42 0.09
N GLU G 134 -11.34 -23.38 -0.32
CA GLU G 134 -12.19 -22.22 -0.05
C GLU G 134 -12.39 -22.03 1.44
N ARG G 135 -12.67 -23.10 2.17
CA ARG G 135 -12.91 -22.96 3.60
C ARG G 135 -11.66 -22.44 4.31
N HIS G 136 -10.48 -22.95 3.91
CA HIS G 136 -9.25 -22.48 4.53
C HIS G 136 -8.95 -21.03 4.16
N THR G 137 -9.17 -20.65 2.91
CA THR G 137 -8.95 -19.25 2.52
C THR G 137 -9.88 -18.32 3.29
N GLN G 138 -11.11 -18.75 3.52
CA GLN G 138 -12.04 -17.86 4.21
C GLN G 138 -11.78 -17.81 5.71
N GLY G 139 -11.32 -18.91 6.32
CA GLY G 139 -10.86 -18.82 7.70
C GLY G 139 -9.66 -17.89 7.84
N THR G 140 -8.73 -17.98 6.89
CA THR G 140 -7.65 -17.00 6.81
C THR G 140 -8.20 -15.59 6.74
N GLY G 141 -9.24 -15.38 5.93
CA GLY G 141 -9.81 -14.05 5.82
C GLY G 141 -10.43 -13.56 7.12
N VAL G 142 -11.12 -14.45 7.83
CA VAL G 142 -11.74 -14.06 9.10
C VAL G 142 -10.68 -13.62 10.10
N PHE G 143 -9.61 -14.40 10.22
CA PHE G 143 -8.63 -14.05 11.24
C PHE G 143 -7.75 -12.88 10.80
N ARG G 144 -7.52 -12.71 9.51
CA ARG G 144 -6.86 -11.50 9.05
C ARG G 144 -7.70 -10.27 9.33
N ALA G 145 -9.03 -10.40 9.21
CA ALA G 145 -9.92 -9.29 9.57
C ALA G 145 -9.82 -8.97 11.06
N PHE G 146 -9.79 -9.99 11.90
CA PHE G 146 -9.63 -9.78 13.34
C PHE G 146 -8.32 -9.07 13.63
N GLY G 147 -7.24 -9.53 13.00
CA GLY G 147 -5.93 -8.94 13.26
C GLY G 147 -5.79 -7.55 12.68
N ASP G 148 -6.51 -7.24 11.61
CA ASP G 148 -6.53 -5.89 11.09
C ASP G 148 -7.26 -4.94 12.02
N VAL G 149 -8.39 -5.39 12.57
CA VAL G 149 -9.22 -4.46 13.34
C VAL G 149 -8.69 -4.25 14.74
N ALA G 150 -8.10 -5.28 15.36
CA ALA G 150 -7.72 -5.16 16.77
C ALA G 150 -6.79 -3.98 17.08
N PRO G 151 -5.72 -3.71 16.31
CA PRO G 151 -4.91 -2.51 16.62
C PRO G 151 -5.69 -1.22 16.53
N ALA G 152 -6.65 -1.13 15.61
CA ALA G 152 -7.51 0.04 15.54
C ALA G 152 -8.27 0.23 16.84
N MET G 153 -8.74 -0.88 17.43
CA MET G 153 -9.41 -0.81 18.73
C MET G 153 -8.45 -0.44 19.84
N GLY G 154 -7.19 -0.86 19.74
CA GLY G 154 -6.20 -0.42 20.71
C GLY G 154 -5.93 1.07 20.65
N MET G 155 -5.86 1.63 19.44
CA MET G 155 -5.68 3.06 19.29
C MET G 155 -6.91 3.83 19.78
N ILE G 156 -8.12 3.34 19.46
CA ILE G 156 -9.32 3.96 20.01
C ILE G 156 -9.32 3.87 21.52
N GLY G 157 -8.80 2.77 22.07
CA GLY G 157 -8.71 2.63 23.51
C GLY G 157 -7.78 3.64 24.15
N THR G 158 -6.60 3.85 23.56
CA THR G 158 -5.70 4.84 24.16
C THR G 158 -6.25 6.25 23.98
N LEU G 159 -6.98 6.51 22.90
CA LEU G 159 -7.66 7.79 22.78
C LEU G 159 -8.69 7.97 23.89
N VAL G 160 -9.44 6.92 24.20
CA VAL G 160 -10.44 6.99 25.27
C VAL G 160 -9.78 7.19 26.62
N GLY G 161 -8.68 6.49 26.87
CA GLY G 161 -7.96 6.68 28.12
C GLY G 161 -7.41 8.08 28.26
N LEU G 162 -6.82 8.60 27.20
CA LEU G 162 -6.35 9.98 27.20
C LEU G 162 -7.51 10.94 27.48
N VAL G 163 -8.64 10.72 26.83
CA VAL G 163 -9.79 11.60 27.02
C VAL G 163 -10.23 11.58 28.48
N ALA G 164 -10.35 10.39 29.06
CA ALA G 164 -10.86 10.28 30.42
C ALA G 164 -9.90 10.87 31.44
N MET G 165 -8.61 10.55 31.32
CA MET G 165 -7.66 11.01 32.33
C MET G 165 -7.17 12.43 32.09
N LEU G 166 -7.35 12.98 30.88
CA LEU G 166 -7.19 14.40 30.68
C LEU G 166 -8.41 15.16 31.18
N SER G 167 -9.57 14.52 31.16
CA SER G 167 -10.77 15.16 31.67
C SER G 167 -10.75 15.23 33.19
N ASN G 168 -10.38 14.15 33.86
CA ASN G 168 -10.50 14.14 35.32
C ASN G 168 -9.35 14.89 35.99
N MET G 169 -8.13 14.37 35.87
CA MET G 169 -6.91 15.11 36.23
C MET G 169 -6.89 15.55 37.69
N ASP G 170 -7.94 15.23 38.44
CA ASP G 170 -8.09 15.72 39.80
C ASP G 170 -8.53 14.64 40.79
N ASP G 171 -9.03 13.51 40.33
CA ASP G 171 -9.37 12.40 41.20
C ASP G 171 -8.36 11.28 40.95
N PRO G 172 -7.51 10.97 41.92
CA PRO G 172 -6.57 9.85 41.72
C PRO G 172 -7.25 8.53 41.45
N LYS G 173 -8.44 8.30 42.02
CA LYS G 173 -9.16 7.07 41.72
C LYS G 173 -9.75 7.06 40.32
N ALA G 174 -9.58 8.13 39.55
CA ALA G 174 -10.17 8.24 38.23
C ALA G 174 -9.16 8.19 37.11
N ILE G 175 -7.89 8.49 37.38
CA ILE G 175 -6.88 8.42 36.32
C ILE G 175 -6.22 7.05 36.29
N GLY G 176 -6.23 6.32 37.40
CA GLY G 176 -5.69 4.98 37.44
C GLY G 176 -6.39 4.06 36.46
N PRO G 177 -7.69 3.85 36.66
CA PRO G 177 -8.45 3.05 35.71
C PRO G 177 -8.34 3.53 34.28
N ALA G 178 -8.31 4.85 34.07
CA ALA G 178 -8.25 5.39 32.71
C ALA G 178 -6.91 5.05 32.05
N MET G 179 -5.80 5.28 32.75
CA MET G 179 -4.49 4.96 32.18
C MET G 179 -4.34 3.46 31.97
N ALA G 180 -4.84 2.66 32.92
CA ALA G 180 -4.82 1.22 32.73
C ALA G 180 -5.59 0.82 31.49
N VAL G 181 -6.76 1.41 31.27
CA VAL G 181 -7.56 1.09 30.10
C VAL G 181 -6.80 1.45 28.83
N ALA G 182 -6.18 2.62 28.80
CA ALA G 182 -5.41 3.01 27.61
C ALA G 182 -4.31 2.02 27.32
N LEU G 183 -3.48 1.74 28.32
CA LEU G 183 -2.31 0.91 28.10
C LEU G 183 -2.71 -0.51 27.76
N LEU G 184 -3.69 -1.06 28.46
CA LEU G 184 -4.08 -2.44 28.24
C LEU G 184 -4.83 -2.61 26.93
N THR G 185 -5.62 -1.63 26.50
CA THR G 185 -6.22 -1.74 25.17
C THR G 185 -5.14 -1.76 24.11
N THR G 186 -4.12 -0.91 24.26
CA THR G 186 -3.01 -0.95 23.29
C THR G 186 -2.29 -2.28 23.31
N LEU G 187 -2.00 -2.80 24.51
CA LEU G 187 -1.26 -4.05 24.62
C LEU G 187 -2.08 -5.24 24.12
N TYR G 188 -3.38 -5.27 24.40
CA TYR G 188 -4.21 -6.35 23.91
C TYR G 188 -4.36 -6.29 22.39
N GLY G 189 -4.48 -5.08 21.84
CA GLY G 189 -4.45 -4.96 20.39
C GLY G 189 -3.18 -5.54 19.81
N ALA G 190 -2.04 -5.18 20.39
CA ALA G 190 -0.75 -5.67 19.88
C ALA G 190 -0.63 -7.19 20.01
N ILE G 191 -0.95 -7.73 21.19
CA ILE G 191 -0.77 -9.16 21.44
C ILE G 191 -1.72 -9.99 20.60
N LEU G 192 -3.02 -9.64 20.62
CA LEU G 192 -3.98 -10.38 19.84
C LEU G 192 -3.73 -10.24 18.34
N SER G 193 -3.23 -9.09 17.91
CA SER G 193 -3.00 -8.92 16.48
C SER G 193 -1.79 -9.73 16.03
N ASN G 194 -0.69 -9.68 16.78
CA ASN G 194 0.58 -10.21 16.28
C ASN G 194 0.96 -11.56 16.85
N MET G 195 0.24 -12.07 17.85
CA MET G 195 0.58 -13.33 18.47
C MET G 195 -0.59 -14.30 18.58
N VAL G 196 -1.78 -13.90 18.18
CA VAL G 196 -2.90 -14.83 18.09
C VAL G 196 -3.47 -14.86 16.68
N PHE G 197 -4.03 -13.73 16.23
CA PHE G 197 -4.86 -13.76 15.02
C PHE G 197 -4.04 -13.80 13.75
N PHE G 198 -3.02 -12.96 13.63
CA PHE G 198 -2.15 -13.05 12.45
C PHE G 198 -1.44 -14.40 12.37
N PRO G 199 -0.84 -14.95 13.44
CA PRO G 199 -0.24 -16.27 13.30
C PRO G 199 -1.25 -17.39 13.10
N ILE G 200 -2.47 -17.27 13.64
CA ILE G 200 -3.50 -18.25 13.30
C ILE G 200 -3.81 -18.19 11.81
N ALA G 201 -3.87 -16.99 11.24
CA ALA G 201 -4.07 -16.86 9.81
C ALA G 201 -2.93 -17.49 9.03
N ASP G 202 -1.69 -17.26 9.47
CA ASP G 202 -0.55 -17.83 8.77
C ASP G 202 -0.51 -19.35 8.89
N LYS G 203 -0.88 -19.88 10.06
CA LYS G 203 -0.97 -21.33 10.21
C LYS G 203 -2.07 -21.91 9.34
N LEU G 204 -3.18 -21.18 9.19
CA LEU G 204 -4.24 -21.64 8.30
C LEU G 204 -3.79 -21.62 6.85
N SER G 205 -3.00 -20.61 6.46
CA SER G 205 -2.48 -20.60 5.10
C SER G 205 -1.52 -21.76 4.86
N LEU G 206 -0.63 -22.01 5.81
CA LEU G 206 0.29 -23.14 5.69
C LEU G 206 -0.49 -24.45 5.63
N ARG G 207 -1.51 -24.59 6.47
CA ARG G 207 -2.29 -25.81 6.51
C ARG G 207 -3.11 -25.96 5.23
N ARG G 208 -3.55 -24.85 4.65
CA ARG G 208 -4.23 -24.91 3.35
C ARG G 208 -3.30 -25.44 2.28
N ASP G 209 -2.05 -24.96 2.26
CA ASP G 209 -1.09 -25.48 1.30
C ASP G 209 -0.86 -26.97 1.50
N GLN G 210 -0.71 -27.39 2.76
CA GLN G 210 -0.45 -28.80 3.02
C GLN G 210 -1.65 -29.68 2.66
N GLU G 211 -2.87 -29.22 2.97
CA GLU G 211 -4.06 -29.98 2.60
C GLU G 211 -4.21 -30.05 1.08
N THR G 212 -3.90 -28.95 0.39
CA THR G 212 -3.95 -28.96 -1.06
C THR G 212 -2.98 -29.98 -1.62
N LEU G 213 -1.76 -30.04 -1.08
CA LEU G 213 -0.78 -31.01 -1.57
C LEU G 213 -1.24 -32.44 -1.29
N ASN G 214 -1.72 -32.70 -0.07
CA ASN G 214 -2.14 -34.06 0.27
C ASN G 214 -3.32 -34.49 -0.58
N ARG G 215 -4.28 -33.60 -0.79
CA ARG G 215 -5.44 -33.95 -1.61
C ARG G 215 -5.05 -34.14 -3.07
N ARG G 216 -4.11 -33.34 -3.58
CA ARG G 216 -3.67 -33.53 -4.95
C ARG G 216 -2.96 -34.87 -5.12
N LEU G 217 -2.13 -35.24 -4.14
CA LEU G 217 -1.47 -36.55 -4.20
C LEU G 217 -2.48 -37.68 -4.15
N ILE G 218 -3.50 -37.57 -3.30
CA ILE G 218 -4.50 -38.63 -3.21
C ILE G 218 -5.32 -38.71 -4.49
N MET G 219 -5.62 -37.56 -5.11
CA MET G 219 -6.30 -37.57 -6.38
C MET G 219 -5.45 -38.25 -7.45
N ASP G 220 -4.16 -37.97 -7.45
CA ASP G 220 -3.26 -38.62 -8.41
C ASP G 220 -3.23 -40.13 -8.17
N GLY G 221 -3.21 -40.54 -6.90
CA GLY G 221 -3.23 -41.96 -6.60
C GLY G 221 -4.52 -42.63 -7.01
N VAL G 222 -5.66 -41.96 -6.84
CA VAL G 222 -6.93 -42.51 -7.28
C VAL G 222 -6.95 -42.63 -8.80
N LEU G 223 -6.40 -41.65 -9.52
CA LEU G 223 -6.27 -41.78 -10.96
C LEU G 223 -5.38 -42.97 -11.33
N ALA G 224 -4.29 -43.14 -10.59
CA ALA G 224 -3.36 -44.25 -10.87
C ALA G 224 -4.03 -45.59 -10.65
N ILE G 225 -4.83 -45.73 -9.59
CA ILE G 225 -5.57 -46.98 -9.41
C ILE G 225 -6.69 -47.09 -10.43
N GLN G 226 -7.16 -45.96 -10.98
CA GLN G 226 -8.16 -46.03 -12.03
C GLN G 226 -7.60 -46.65 -13.30
N ASP G 227 -6.43 -46.19 -13.75
CA ASP G 227 -5.84 -46.79 -14.94
C ASP G 227 -4.88 -47.92 -14.60
N GLY G 228 -4.73 -48.27 -13.32
CA GLY G 228 -3.87 -49.39 -12.96
C GLY G 228 -2.42 -49.20 -13.32
N GLN G 229 -1.90 -47.99 -13.16
CA GLN G 229 -0.50 -47.72 -13.48
C GLN G 229 0.43 -48.47 -12.54
N ASN G 230 1.63 -48.75 -13.03
CA ASN G 230 2.62 -49.44 -12.23
C ASN G 230 3.02 -48.56 -11.04
N PRO G 231 3.25 -49.16 -9.87
CA PRO G 231 3.69 -48.34 -8.73
C PRO G 231 4.98 -47.59 -8.96
N ARG G 232 5.92 -48.18 -9.70
CA ARG G 232 7.23 -47.54 -9.86
C ARG G 232 7.11 -46.22 -10.61
N VAL G 233 6.34 -46.21 -11.71
CA VAL G 233 6.23 -45.00 -12.51
C VAL G 233 5.47 -43.91 -11.75
N ILE G 234 4.44 -44.28 -10.97
CA ILE G 234 3.73 -43.27 -10.21
C ILE G 234 4.60 -42.72 -9.09
N ASP G 235 5.42 -43.56 -8.47
CA ASP G 235 6.36 -43.04 -7.48
C ASP G 235 7.34 -42.07 -8.10
N SER G 236 7.84 -42.39 -9.29
CA SER G 236 8.76 -41.47 -9.96
C SER G 236 8.03 -40.19 -10.37
N TYR G 237 6.74 -40.28 -10.67
CA TYR G 237 5.99 -39.10 -11.06
C TYR G 237 5.66 -38.22 -9.85
N LEU G 238 5.60 -38.82 -8.66
CA LEU G 238 5.33 -38.08 -7.43
C LEU G 238 6.58 -37.66 -6.68
N LYS G 239 7.76 -38.13 -7.08
CA LYS G 239 8.96 -37.85 -6.29
C LYS G 239 9.36 -36.39 -6.37
N ASN G 240 8.77 -35.62 -7.28
CA ASN G 240 9.13 -34.20 -7.40
C ASN G 240 8.31 -33.36 -6.44
N TYR G 241 7.58 -34.01 -5.55
CA TYR G 241 6.69 -33.31 -4.62
C TYR G 241 7.23 -33.21 -3.21
N LEU G 242 8.32 -33.91 -2.89
CA LEU G 242 8.85 -33.87 -1.53
C LEU G 242 9.55 -32.55 -1.25
N ASN G 243 10.04 -31.89 -2.29
CA ASN G 243 10.59 -30.54 -2.17
C ASN G 243 9.96 -29.60 -3.19
N GLU G 244 8.78 -29.09 -2.83
CA GLU G 244 7.98 -28.26 -3.72
C GLU G 244 7.51 -27.04 -2.95
N GLY G 245 8.11 -25.89 -3.24
CA GLY G 245 7.77 -24.66 -2.55
C GLY G 245 8.62 -24.45 -1.30
N LYS G 246 7.95 -24.39 -0.15
CA LYS G 246 8.64 -24.12 1.11
C LYS G 246 9.72 -25.16 1.38
N ARG G 247 9.39 -26.43 1.17
CA ARG G 247 10.34 -27.51 1.42
C ARG G 247 11.58 -27.41 0.53
N ALA G 248 11.64 -26.44 -0.37
CA ALA G 248 12.83 -26.23 -1.18
C ALA G 248 13.93 -25.49 -0.43
N LEU G 249 13.61 -24.88 0.72
CA LEU G 249 14.66 -24.23 1.49
C LEU G 249 15.52 -25.23 2.26
N GLU G 250 14.92 -26.34 2.71
CA GLU G 250 15.66 -27.30 3.52
C GLU G 250 16.78 -27.96 2.72
N ILE G 251 16.50 -28.32 1.48
CA ILE G 251 17.49 -28.99 0.64
C ILE G 251 18.59 -28.02 0.20
#